data_8TI7
#
_entry.id   8TI7
#
_cell.length_a   152.802
_cell.length_b   152.802
_cell.length_c   186.854
_cell.angle_alpha   90.000
_cell.angle_beta   90.000
_cell.angle_gamma   120.000
#
_symmetry.space_group_name_H-M   'H 3'
#
loop_
_entity.id
_entity.type
_entity.pdbx_description
1 polymer Profilin
2 polymer poly(L-proline)
3 non-polymer 'SULFATE ION'
4 water water
#
loop_
_entity_poly.entity_id
_entity_poly.type
_entity_poly.pdbx_seq_one_letter_code
_entity_poly.pdbx_strand_id
1 'polypeptide(L)'
;MHHHHHHSSGVDLGTENLYFQSGSGSWQSYVDNQICQHVDCTLAAIANIQDGSIWAKFEKDDKKISPKELKTIADTIRQN
PNGFLETGIHIGGEKYICIQADNQLVRGRRGSSALCIVATNTCLLAAATVDGYPAGQLNNVIEKLGDYLRSNNY
;
A,C,E,G,I,K,M,O
2 'polypeptide(L)' PPPPPPPPPPPP B,D,F,H,J,L,N,P
#
loop_
_chem_comp.id
_chem_comp.type
_chem_comp.name
_chem_comp.formula
SO4 non-polymer 'SULFATE ION' 'O4 S -2'
#
# COMPACT_ATOMS: atom_id res chain seq x y z
N GLY A 23 13.87 -22.87 -10.14
CA GLY A 23 13.89 -23.16 -8.70
C GLY A 23 15.08 -24.04 -8.29
N SER A 24 16.28 -23.45 -8.29
CA SER A 24 17.43 -24.02 -7.58
C SER A 24 18.43 -22.91 -7.26
N GLY A 25 19.03 -23.00 -6.05
CA GLY A 25 19.95 -22.01 -5.54
C GLY A 25 19.26 -20.69 -5.19
N SER A 26 20.08 -19.68 -4.86
CA SER A 26 19.51 -18.39 -4.44
C SER A 26 20.11 -17.27 -5.29
N TRP A 27 19.51 -16.09 -5.21
CA TRP A 27 19.99 -14.94 -6.00
C TRP A 27 21.35 -14.48 -5.47
N GLN A 28 21.63 -14.73 -4.19
CA GLN A 28 22.94 -14.36 -3.60
C GLN A 28 24.00 -15.22 -4.26
N SER A 29 23.70 -16.48 -4.51
CA SER A 29 24.67 -17.33 -5.24
C SER A 29 25.01 -16.65 -6.56
N TYR A 30 23.98 -16.18 -7.27
CA TYR A 30 24.21 -15.58 -8.61
C TYR A 30 25.15 -14.39 -8.45
N VAL A 31 24.83 -13.50 -7.51
CA VAL A 31 25.65 -12.28 -7.32
C VAL A 31 27.05 -12.68 -6.88
N ASP A 32 27.13 -13.60 -5.93
CA ASP A 32 28.44 -13.97 -5.37
C ASP A 32 29.19 -14.84 -6.36
N ASN A 33 28.48 -15.63 -7.16
CA ASN A 33 29.22 -16.58 -8.01
C ASN A 33 29.25 -16.16 -9.48
N GLN A 34 28.09 -15.88 -10.07
CA GLN A 34 28.04 -15.62 -11.54
C GLN A 34 28.60 -14.24 -11.88
N ILE A 35 28.53 -13.28 -10.96
CA ILE A 35 28.98 -11.90 -11.27
C ILE A 35 30.30 -11.60 -10.57
N CYS A 36 30.33 -11.75 -9.25
CA CYS A 36 31.52 -11.29 -8.48
C CYS A 36 32.73 -12.21 -8.68
N GLN A 37 32.52 -13.48 -9.01
CA GLN A 37 33.65 -14.39 -9.27
C GLN A 37 34.20 -14.15 -10.67
N HIS A 38 33.49 -13.39 -11.49
CA HIS A 38 33.95 -13.24 -12.90
C HIS A 38 34.20 -11.75 -13.17
N VAL A 39 33.73 -10.90 -12.26
CA VAL A 39 34.00 -9.44 -12.39
C VAL A 39 34.52 -8.91 -11.04
N ASP A 40 35.55 -8.08 -11.07
CA ASP A 40 36.08 -7.50 -9.84
C ASP A 40 35.27 -6.25 -9.55
N CYS A 41 34.34 -6.36 -8.59
CA CYS A 41 33.25 -5.41 -8.43
C CYS A 41 33.45 -4.49 -7.23
N THR A 42 33.03 -3.24 -7.38
CA THR A 42 32.79 -2.36 -6.25
C THR A 42 31.37 -2.60 -5.74
N LEU A 43 30.50 -3.11 -6.61
CA LEU A 43 29.07 -3.07 -6.39
C LEU A 43 28.39 -4.10 -7.29
N ALA A 44 27.43 -4.88 -6.77
CA ALA A 44 26.58 -5.74 -7.60
C ALA A 44 25.20 -5.89 -6.97
N ALA A 45 24.15 -5.89 -7.81
CA ALA A 45 22.81 -6.08 -7.28
C ALA A 45 21.91 -6.80 -8.27
N ILE A 46 20.99 -7.58 -7.71
CA ILE A 46 19.84 -8.11 -8.41
C ILE A 46 18.59 -7.69 -7.63
N ALA A 47 17.58 -7.21 -8.35
CA ALA A 47 16.40 -6.61 -7.77
C ALA A 47 15.17 -6.99 -8.60
N ASN A 48 13.99 -6.61 -8.09
CA ASN A 48 12.73 -6.77 -8.79
C ASN A 48 12.60 -5.62 -9.77
N ILE A 49 12.32 -5.92 -11.03
CA ILE A 49 12.29 -4.88 -12.05
C ILE A 49 11.11 -3.95 -11.80
N GLN A 50 10.10 -4.44 -11.09
CA GLN A 50 8.86 -3.66 -10.89
C GLN A 50 8.96 -2.75 -9.65
N ASP A 51 9.49 -3.26 -8.55
CA ASP A 51 9.53 -2.49 -7.28
C ASP A 51 10.93 -1.93 -7.08
N GLY A 52 11.96 -2.74 -7.34
CA GLY A 52 13.34 -2.31 -7.01
C GLY A 52 13.74 -3.06 -5.76
N SER A 53 12.78 -3.78 -5.18
CA SER A 53 13.07 -4.58 -3.97
C SER A 53 14.34 -5.37 -4.22
N ILE A 54 15.33 -5.25 -3.34
CA ILE A 54 16.61 -5.88 -3.59
C ILE A 54 16.53 -7.35 -3.18
N TRP A 55 16.97 -8.23 -4.09
CA TRP A 55 16.94 -9.67 -3.90
C TRP A 55 18.31 -10.20 -3.43
N ALA A 56 19.40 -9.58 -3.91
CA ALA A 56 20.74 -9.84 -3.43
C ALA A 56 21.65 -8.70 -3.84
N LYS A 57 22.81 -8.61 -3.18
CA LYS A 57 23.71 -7.49 -3.41
C LYS A 57 25.13 -7.85 -2.94
N PHE A 58 26.09 -7.07 -3.41
CA PHE A 58 27.43 -7.04 -2.84
C PHE A 58 27.87 -5.58 -2.81
N GLU A 59 28.42 -5.14 -1.68
CA GLU A 59 28.98 -3.80 -1.54
C GLU A 59 30.40 -3.94 -0.99
N LYS A 60 31.35 -3.28 -1.65
CA LYS A 60 32.74 -3.27 -1.22
C LYS A 60 32.98 -2.04 -0.33
N ASP A 61 33.83 -2.20 0.67
CA ASP A 61 34.26 -1.05 1.50
C ASP A 61 33.11 -0.08 1.76
N ASP A 62 33.30 1.18 1.39
CA ASP A 62 32.29 2.20 1.75
C ASP A 62 31.35 2.52 0.59
N LYS A 63 30.63 1.52 0.08
CA LYS A 63 29.60 1.83 -0.95
C LYS A 63 28.29 1.27 -0.41
N LYS A 64 27.17 1.90 -0.77
CA LYS A 64 25.85 1.38 -0.32
C LYS A 64 24.80 1.66 -1.39
N ILE A 65 23.93 0.68 -1.63
CA ILE A 65 22.91 0.81 -2.71
C ILE A 65 21.57 1.16 -2.09
N SER A 66 21.24 2.44 -2.10
CA SER A 66 19.94 2.87 -1.61
C SER A 66 18.83 2.14 -2.34
N PRO A 67 17.77 1.65 -1.65
CA PRO A 67 16.59 1.10 -2.33
C PRO A 67 15.92 2.11 -3.25
N LYS A 68 16.17 3.41 -2.98
CA LYS A 68 15.62 4.49 -3.78
C LYS A 68 16.39 4.66 -5.08
N GLU A 69 17.72 4.48 -5.03
CA GLU A 69 18.55 4.44 -6.23
C GLU A 69 17.96 3.43 -7.22
N LEU A 70 17.61 2.23 -6.72
CA LEU A 70 17.20 1.09 -7.55
C LEU A 70 15.74 1.20 -7.97
N LYS A 71 14.93 1.84 -7.14
CA LYS A 71 13.54 2.10 -7.49
C LYS A 71 13.50 2.97 -8.76
N THR A 72 14.32 4.02 -8.76
CA THR A 72 14.34 4.99 -9.85
C THR A 72 14.99 4.37 -11.08
N ILE A 73 16.15 3.71 -10.89
CA ILE A 73 16.78 2.95 -11.96
C ILE A 73 15.77 2.02 -12.60
N ALA A 74 15.03 1.26 -11.79
CA ALA A 74 14.16 0.22 -12.34
C ALA A 74 13.07 0.89 -13.16
N ASP A 75 12.47 1.95 -12.61
CA ASP A 75 11.36 2.64 -13.25
C ASP A 75 11.84 3.41 -14.48
N THR A 76 13.08 3.90 -14.50
CA THR A 76 13.55 4.66 -15.65
C THR A 76 13.82 3.73 -16.83
N ILE A 77 14.39 2.55 -16.56
CA ILE A 77 14.78 1.64 -17.65
C ILE A 77 13.52 1.12 -18.33
N ARG A 78 12.47 0.95 -17.55
CA ARG A 78 11.21 0.38 -18.07
C ARG A 78 10.35 1.46 -18.72
N GLN A 79 10.36 2.67 -18.15
CA GLN A 79 9.41 3.70 -18.63
C GLN A 79 10.07 4.73 -19.55
N ASN A 80 11.35 5.01 -19.40
CA ASN A 80 11.97 6.07 -20.19
C ASN A 80 13.49 5.96 -20.12
N PRO A 81 14.08 4.98 -20.84
CA PRO A 81 15.52 4.73 -20.74
C PRO A 81 16.38 5.88 -21.25
N ASN A 82 15.83 6.71 -22.16
CA ASN A 82 16.52 7.91 -22.63
C ASN A 82 16.82 8.89 -21.49
N GLY A 83 16.10 8.79 -20.38
CA GLY A 83 16.32 9.68 -19.25
C GLY A 83 17.74 9.61 -18.72
N PHE A 84 18.36 8.43 -18.73
CA PHE A 84 19.70 8.29 -18.18
C PHE A 84 20.72 9.15 -18.94
N LEU A 85 20.42 9.44 -20.21
CA LEU A 85 21.30 10.28 -21.02
C LEU A 85 21.25 11.72 -20.53
N GLU A 86 20.16 12.10 -19.85
CA GLU A 86 20.00 13.43 -19.30
C GLU A 86 20.55 13.47 -17.87
N THR A 87 20.00 12.62 -17.01
CA THR A 87 20.27 12.64 -15.58
C THR A 87 21.61 11.98 -15.21
N GLY A 88 22.13 11.11 -16.08
CA GLY A 88 23.16 10.16 -15.67
C GLY A 88 22.56 9.03 -14.84
N ILE A 89 23.40 8.23 -14.20
CA ILE A 89 22.96 7.05 -13.45
C ILE A 89 23.45 7.13 -12.01
N HIS A 90 22.53 6.93 -11.04
CA HIS A 90 22.87 7.12 -9.65
C HIS A 90 22.80 5.77 -8.92
N ILE A 91 23.98 5.30 -8.48
CA ILE A 91 24.06 4.05 -7.73
C ILE A 91 25.32 4.01 -6.86
N GLY A 92 25.15 3.39 -5.68
CA GLY A 92 26.22 3.29 -4.70
C GLY A 92 26.54 4.64 -4.06
N GLY A 93 25.64 5.62 -4.23
CA GLY A 93 25.84 6.97 -3.74
C GLY A 93 26.69 7.83 -4.67
N GLU A 94 26.84 7.40 -5.93
CA GLU A 94 27.73 8.10 -6.86
C GLU A 94 27.07 8.16 -8.23
N LYS A 95 27.52 9.14 -9.02
CA LYS A 95 26.96 9.43 -10.34
C LYS A 95 27.87 8.85 -11.41
N TYR A 96 27.26 8.11 -12.35
CA TYR A 96 27.95 7.56 -13.51
C TYR A 96 27.40 8.25 -14.76
N ILE A 97 28.28 8.56 -15.70
CA ILE A 97 27.89 9.10 -16.99
C ILE A 97 27.35 7.95 -17.85
N CYS A 98 26.19 8.15 -18.46
CA CYS A 98 25.59 7.13 -19.31
C CYS A 98 26.24 7.15 -20.69
N ILE A 99 26.57 5.98 -21.25
CA ILE A 99 27.11 5.95 -22.62
C ILE A 99 26.10 5.33 -23.59
N GLN A 100 25.20 4.49 -23.08
CA GLN A 100 24.08 4.04 -23.88
C GLN A 100 22.97 3.56 -22.96
N ALA A 101 21.75 3.57 -23.49
CA ALA A 101 20.59 3.23 -22.70
C ALA A 101 19.49 2.69 -23.59
N ASP A 102 18.94 1.55 -23.19
CA ASP A 102 17.68 1.11 -23.74
C ASP A 102 16.98 0.30 -22.66
N ASN A 103 15.79 -0.17 -23.00
CA ASN A 103 14.87 -0.95 -22.19
C ASN A 103 15.53 -2.18 -21.54
N GLN A 104 16.69 -2.61 -22.06
CA GLN A 104 17.26 -3.89 -21.69
C GLN A 104 18.70 -3.73 -21.23
N LEU A 105 19.34 -2.60 -21.59
CA LEU A 105 20.77 -2.42 -21.38
C LEU A 105 21.07 -0.94 -21.16
N VAL A 106 21.76 -0.64 -20.06
CA VAL A 106 22.29 0.68 -19.78
C VAL A 106 23.76 0.51 -19.37
N ARG A 107 24.68 1.22 -20.02
CA ARG A 107 26.08 1.20 -19.61
C ARG A 107 26.52 2.62 -19.19
N GLY A 108 27.50 2.67 -18.27
CA GLY A 108 27.93 3.93 -17.66
C GLY A 108 29.42 3.93 -17.34
N ARG A 109 29.96 5.13 -17.16
CA ARG A 109 31.34 5.36 -16.74
C ARG A 109 31.41 6.33 -15.54
N ARG A 110 32.39 6.07 -14.67
CA ARG A 110 32.77 7.00 -13.62
C ARG A 110 34.26 6.89 -13.42
N GLY A 111 35.02 7.81 -14.03
CA GLY A 111 36.46 7.68 -14.09
C GLY A 111 36.86 6.37 -14.76
N SER A 112 37.71 5.60 -14.09
CA SER A 112 38.23 4.35 -14.60
C SER A 112 37.29 3.18 -14.30
N SER A 113 36.08 3.46 -13.79
CA SER A 113 35.12 2.43 -13.38
C SER A 113 33.96 2.37 -14.38
N ALA A 114 33.51 1.14 -14.67
CA ALA A 114 32.44 0.89 -15.60
C ALA A 114 31.23 0.37 -14.85
N LEU A 115 30.04 0.64 -15.38
CA LEU A 115 28.77 0.20 -14.85
C LEU A 115 28.00 -0.48 -15.98
N CYS A 116 27.33 -1.60 -15.69
CA CYS A 116 26.50 -2.28 -16.65
C CYS A 116 25.23 -2.75 -15.95
N ILE A 117 24.10 -2.33 -16.52
CA ILE A 117 22.78 -2.57 -15.95
C ILE A 117 21.94 -3.22 -17.03
N VAL A 118 21.25 -4.29 -16.67
CA VAL A 118 20.43 -5.05 -17.61
C VAL A 118 19.07 -5.31 -16.96
N ALA A 119 18.04 -5.34 -17.82
CA ALA A 119 16.68 -5.57 -17.36
C ALA A 119 16.13 -6.79 -18.11
N THR A 120 15.63 -7.77 -17.37
CA THR A 120 15.08 -8.99 -17.96
C THR A 120 13.57 -8.85 -17.89
N ASN A 121 12.85 -9.97 -18.00
CA ASN A 121 11.40 -9.92 -17.95
C ASN A 121 10.91 -9.69 -16.51
N THR A 122 11.73 -9.98 -15.49
CA THR A 122 11.31 -9.84 -14.10
C THR A 122 12.39 -9.23 -13.19
N CYS A 123 13.65 -9.17 -13.67
CA CYS A 123 14.81 -8.89 -12.83
C CYS A 123 15.55 -7.66 -13.33
N LEU A 124 16.26 -6.99 -12.41
CA LEU A 124 17.19 -5.96 -12.76
C LEU A 124 18.56 -6.42 -12.28
N LEU A 125 19.56 -6.39 -13.16
CA LEU A 125 20.93 -6.74 -12.77
C LEU A 125 21.79 -5.49 -12.88
N ALA A 126 22.76 -5.38 -11.99
CA ALA A 126 23.64 -4.22 -12.01
C ALA A 126 24.98 -4.62 -11.40
N ALA A 127 26.07 -4.11 -11.99
CA ALA A 127 27.36 -4.18 -11.33
C ALA A 127 28.26 -3.05 -11.83
N ALA A 128 29.21 -2.64 -10.98
CA ALA A 128 30.21 -1.66 -11.35
C ALA A 128 31.57 -2.17 -10.91
N THR A 129 32.61 -1.69 -11.59
CA THR A 129 33.92 -2.31 -11.54
C THR A 129 34.88 -1.46 -10.72
N VAL A 130 35.82 -2.17 -10.07
CA VAL A 130 37.02 -1.57 -9.51
C VAL A 130 37.73 -0.79 -10.61
N ASP A 131 38.38 0.31 -10.25
CA ASP A 131 39.03 1.19 -11.22
C ASP A 131 39.97 0.38 -12.09
N GLY A 132 39.88 0.54 -13.42
CA GLY A 132 40.80 -0.05 -14.37
C GLY A 132 40.44 -1.46 -14.83
N TYR A 133 39.38 -2.07 -14.28
CA TYR A 133 38.99 -3.42 -14.67
C TYR A 133 38.35 -3.36 -16.06
N PRO A 134 38.71 -4.25 -17.02
CA PRO A 134 38.17 -4.16 -18.39
C PRO A 134 36.65 -4.11 -18.42
N ALA A 135 36.09 -3.15 -19.16
CA ALA A 135 34.65 -2.94 -19.24
C ALA A 135 33.97 -4.00 -20.12
N GLY A 136 34.63 -4.48 -21.17
CA GLY A 136 34.08 -5.52 -22.02
C GLY A 136 33.76 -6.80 -21.24
N GLN A 137 34.62 -7.13 -20.28
CA GLN A 137 34.41 -8.36 -19.48
C GLN A 137 33.18 -8.21 -18.60
N LEU A 138 32.96 -7.04 -18.00
CA LEU A 138 31.74 -6.82 -17.19
C LEU A 138 30.52 -6.85 -18.10
N ASN A 139 30.60 -6.14 -19.21
CA ASN A 139 29.46 -6.09 -20.15
C ASN A 139 29.15 -7.53 -20.56
N ASN A 140 30.15 -8.31 -20.93
CA ASN A 140 29.86 -9.65 -21.39
C ASN A 140 29.19 -10.47 -20.30
N VAL A 141 29.66 -10.32 -19.06
CA VAL A 141 29.18 -11.15 -17.97
C VAL A 141 27.74 -10.77 -17.65
N ILE A 142 27.46 -9.47 -17.57
CA ILE A 142 26.12 -9.03 -17.20
C ILE A 142 25.16 -9.29 -18.36
N GLU A 143 25.55 -8.99 -19.59
CA GLU A 143 24.63 -9.14 -20.72
C GLU A 143 24.31 -10.60 -20.99
N LYS A 144 25.29 -11.48 -20.83
CA LYS A 144 25.08 -12.93 -21.08
C LYS A 144 24.23 -13.54 -19.96
N LEU A 145 24.41 -13.11 -18.72
CA LEU A 145 23.57 -13.60 -17.63
C LEU A 145 22.14 -13.12 -17.85
N GLY A 146 21.99 -11.85 -18.22
CA GLY A 146 20.67 -11.34 -18.57
C GLY A 146 20.04 -12.11 -19.71
N ASP A 147 20.83 -12.51 -20.72
CA ASP A 147 20.30 -13.24 -21.87
C ASP A 147 19.84 -14.63 -21.45
N TYR A 148 20.58 -15.26 -20.55
CA TYR A 148 20.22 -16.56 -20.00
C TYR A 148 18.89 -16.48 -19.25
N LEU A 149 18.74 -15.46 -18.42
CA LEU A 149 17.54 -15.34 -17.60
C LEU A 149 16.36 -15.04 -18.52
N ARG A 150 16.53 -14.07 -19.40
CA ARG A 150 15.47 -13.70 -20.35
C ARG A 150 14.97 -14.91 -21.13
N SER A 151 15.89 -15.81 -21.50
CA SER A 151 15.56 -17.00 -22.27
C SER A 151 14.75 -17.99 -21.43
N ASN A 152 14.90 -17.90 -20.10
CA ASN A 152 14.11 -18.66 -19.15
C ASN A 152 12.86 -17.90 -18.69
N ASN A 153 12.59 -16.74 -19.29
CA ASN A 153 11.36 -15.96 -19.14
C ASN A 153 11.41 -15.22 -17.81
N TYR A 154 12.61 -15.11 -17.25
CA TYR A 154 12.92 -14.38 -16.03
C TYR A 154 13.49 -13.00 -16.42
N GLY B 25 -26.26 22.71 1.47
CA GLY B 25 -27.07 21.54 1.05
C GLY B 25 -26.16 20.39 0.64
N SER B 26 -26.62 19.61 -0.33
CA SER B 26 -25.98 18.38 -0.76
C SER B 26 -25.57 18.49 -2.22
N TRP B 27 -24.77 17.55 -2.68
CA TRP B 27 -24.35 17.54 -4.10
C TRP B 27 -25.52 17.13 -5.00
N GLN B 28 -26.51 16.46 -4.41
CA GLN B 28 -27.68 16.02 -5.17
C GLN B 28 -28.59 17.23 -5.38
N SER B 29 -28.60 18.14 -4.41
CA SER B 29 -29.40 19.38 -4.56
C SER B 29 -28.88 20.13 -5.78
N TYR B 30 -27.56 20.10 -5.98
CA TYR B 30 -26.97 20.79 -7.15
C TYR B 30 -27.57 20.20 -8.40
N VAL B 31 -27.53 18.87 -8.52
CA VAL B 31 -28.04 18.20 -9.75
C VAL B 31 -29.53 18.44 -9.83
N ASP B 32 -30.23 18.20 -8.74
CA ASP B 32 -31.70 18.31 -8.79
C ASP B 32 -32.11 19.73 -9.13
N ASN B 33 -31.37 20.72 -8.63
CA ASN B 33 -31.84 22.12 -8.79
C ASN B 33 -30.94 22.94 -9.72
N GLN B 34 -29.64 23.00 -9.47
CA GLN B 34 -28.78 23.91 -10.27
C GLN B 34 -28.59 23.38 -11.69
N ILE B 35 -28.94 22.13 -11.94
CA ILE B 35 -28.67 21.56 -13.30
C ILE B 35 -29.96 21.09 -13.97
N CYS B 36 -30.82 20.36 -13.25
CA CYS B 36 -32.01 19.75 -13.90
C CYS B 36 -33.23 20.67 -13.92
N GLN B 37 -33.20 21.77 -13.17
CA GLN B 37 -34.31 22.76 -13.20
C GLN B 37 -34.01 23.83 -14.24
N HIS B 38 -32.81 23.83 -14.80
CA HIS B 38 -32.42 24.91 -15.75
C HIS B 38 -31.99 24.27 -17.06
N VAL B 39 -31.92 22.95 -17.10
CA VAL B 39 -31.59 22.23 -18.36
C VAL B 39 -32.44 20.96 -18.39
N ASP B 40 -32.91 20.57 -19.57
CA ASP B 40 -33.75 19.39 -19.72
C ASP B 40 -32.83 18.23 -20.09
N CYS B 41 -32.57 17.36 -19.10
CA CYS B 41 -31.45 16.43 -19.16
C CYS B 41 -31.91 15.00 -19.40
N THR B 42 -31.11 14.25 -20.16
CA THR B 42 -31.21 12.81 -20.18
C THR B 42 -30.34 12.25 -19.04
N LEU B 43 -29.35 13.03 -18.62
CA LEU B 43 -28.25 12.51 -17.82
C LEU B 43 -27.56 13.69 -17.11
N ALA B 44 -27.25 13.55 -15.81
CA ALA B 44 -26.43 14.53 -15.13
C ALA B 44 -25.60 13.84 -14.03
N ALA B 45 -24.34 14.25 -13.86
CA ALA B 45 -23.53 13.68 -12.80
C ALA B 45 -22.52 14.68 -12.24
N ILE B 46 -22.26 14.53 -10.94
CA ILE B 46 -21.13 15.14 -10.26
C ILE B 46 -20.34 14.01 -9.60
N ALA B 47 -19.01 14.04 -9.76
CA ALA B 47 -18.14 12.97 -9.34
C ALA B 47 -16.83 13.55 -8.80
N ASN B 48 -16.00 12.67 -8.25
CA ASN B 48 -14.66 13.02 -7.79
C ASN B 48 -13.74 13.02 -9.00
N ILE B 49 -12.99 14.11 -9.18
CA ILE B 49 -12.17 14.24 -10.38
C ILE B 49 -11.04 13.22 -10.34
N GLN B 50 -10.74 12.71 -9.16
CA GLN B 50 -9.59 11.78 -9.03
C GLN B 50 -10.05 10.34 -9.18
N ASP B 51 -11.08 9.94 -8.42
CA ASP B 51 -11.53 8.53 -8.45
C ASP B 51 -12.56 8.34 -9.56
N GLY B 52 -13.48 9.27 -9.72
CA GLY B 52 -14.59 9.08 -10.67
C GLY B 52 -15.78 8.64 -9.87
N SER B 53 -15.57 8.43 -8.58
CA SER B 53 -16.63 7.95 -7.71
C SER B 53 -17.73 9.00 -7.67
N ILE B 54 -18.98 8.53 -7.75
CA ILE B 54 -20.11 9.39 -8.06
C ILE B 54 -20.66 9.98 -6.77
N TRP B 55 -20.87 11.31 -6.78
CA TRP B 55 -21.35 12.05 -5.62
C TRP B 55 -22.85 12.31 -5.73
N ALA B 56 -23.35 12.53 -6.96
CA ALA B 56 -24.77 12.63 -7.23
C ALA B 56 -25.00 12.45 -8.73
N LYS B 57 -26.25 12.16 -9.11
CA LYS B 57 -26.55 11.84 -10.49
C LYS B 57 -28.04 12.00 -10.73
N PHE B 58 -28.39 12.08 -12.01
CA PHE B 58 -29.76 11.90 -12.48
C PHE B 58 -29.70 11.07 -13.76
N GLU B 59 -30.58 10.06 -13.85
CA GLU B 59 -30.74 9.28 -15.05
C GLU B 59 -32.21 9.26 -15.45
N LYS B 60 -32.49 9.55 -16.73
CA LYS B 60 -33.84 9.53 -17.27
C LYS B 60 -34.10 8.16 -17.90
N ASP B 61 -35.34 7.67 -17.80
CA ASP B 61 -35.80 6.48 -18.51
C ASP B 61 -34.76 5.38 -18.42
N ASP B 62 -34.28 4.88 -19.58
CA ASP B 62 -33.30 3.81 -19.63
C ASP B 62 -31.94 4.39 -20.02
N LYS B 63 -31.38 5.18 -19.08
CA LYS B 63 -30.01 5.63 -19.16
C LYS B 63 -29.32 5.20 -17.86
N LYS B 64 -28.05 4.77 -17.95
CA LYS B 64 -27.28 4.37 -16.79
C LYS B 64 -25.84 4.85 -16.93
N ILE B 65 -25.32 5.47 -15.88
CA ILE B 65 -23.96 6.00 -15.85
C ILE B 65 -23.05 5.05 -15.09
N SER B 66 -22.20 4.33 -15.83
CA SER B 66 -21.23 3.41 -15.23
C SER B 66 -20.20 4.22 -14.45
N PRO B 67 -19.79 3.79 -13.23
CA PRO B 67 -18.66 4.41 -12.53
C PRO B 67 -17.35 4.29 -13.33
N LYS B 68 -17.31 3.33 -14.27
CA LYS B 68 -16.19 3.10 -15.16
C LYS B 68 -16.14 4.16 -16.26
N GLU B 69 -17.31 4.53 -16.78
CA GLU B 69 -17.43 5.64 -17.73
C GLU B 69 -16.75 6.87 -17.15
N LEU B 70 -17.05 7.18 -15.89
CA LEU B 70 -16.64 8.42 -15.22
C LEU B 70 -15.19 8.34 -14.76
N LYS B 71 -14.73 7.14 -14.41
CA LYS B 71 -13.33 6.94 -14.05
C LYS B 71 -12.47 7.33 -15.25
N THR B 72 -12.83 6.86 -16.43
CA THR B 72 -12.05 7.07 -17.64
C THR B 72 -12.17 8.53 -18.09
N ILE B 73 -13.41 9.04 -18.11
CA ILE B 73 -13.63 10.46 -18.39
C ILE B 73 -12.75 11.30 -17.47
N ALA B 74 -12.75 11.00 -16.16
CA ALA B 74 -12.07 11.85 -15.22
C ALA B 74 -10.58 11.81 -15.50
N ASP B 75 -10.04 10.62 -15.71
CA ASP B 75 -8.62 10.42 -15.93
C ASP B 75 -8.19 10.99 -17.28
N THR B 76 -9.06 10.94 -18.31
CA THR B 76 -8.66 11.46 -19.61
C THR B 76 -8.62 13.00 -19.60
N ILE B 77 -9.57 13.65 -18.92
CA ILE B 77 -9.64 15.12 -18.95
C ILE B 77 -8.43 15.69 -18.20
N ARG B 78 -8.00 15.02 -17.11
CA ARG B 78 -6.84 15.48 -16.34
C ARG B 78 -5.54 15.15 -17.06
N GLN B 79 -5.47 13.94 -17.65
CA GLN B 79 -4.21 13.36 -18.05
C GLN B 79 -3.92 13.60 -19.52
N ASN B 80 -4.96 13.58 -20.36
CA ASN B 80 -4.77 13.67 -21.80
C ASN B 80 -6.08 14.04 -22.49
N PRO B 81 -6.51 15.32 -22.40
CA PRO B 81 -7.82 15.72 -22.93
C PRO B 81 -7.97 15.58 -24.45
N ASN B 82 -6.85 15.64 -25.18
CA ASN B 82 -6.87 15.43 -26.63
C ASN B 82 -7.31 14.01 -27.00
N GLY B 83 -7.25 13.07 -26.04
CA GLY B 83 -7.70 11.71 -26.31
C GLY B 83 -9.16 11.64 -26.77
N PHE B 84 -10.02 12.52 -26.23
CA PHE B 84 -11.44 12.45 -26.57
C PHE B 84 -11.66 12.70 -28.05
N LEU B 85 -10.73 13.41 -28.70
CA LEU B 85 -10.84 13.69 -30.12
C LEU B 85 -10.64 12.40 -30.93
N GLU B 86 -9.93 11.43 -30.33
CA GLU B 86 -9.66 10.16 -30.97
C GLU B 86 -10.76 9.16 -30.62
N THR B 87 -10.95 8.94 -29.31
CA THR B 87 -11.84 7.89 -28.81
C THR B 87 -13.32 8.29 -28.85
N GLY B 88 -13.60 9.60 -28.87
CA GLY B 88 -14.94 10.10 -28.54
C GLY B 88 -15.17 10.05 -27.03
N ILE B 89 -16.42 10.24 -26.61
CA ILE B 89 -16.76 10.31 -25.19
C ILE B 89 -17.85 9.29 -24.87
N HIS B 90 -17.62 8.49 -23.81
CA HIS B 90 -18.53 7.39 -23.50
C HIS B 90 -19.21 7.68 -22.17
N ILE B 91 -20.54 7.88 -22.23
CA ILE B 91 -21.34 8.13 -21.04
C ILE B 91 -22.81 7.79 -21.27
N GLY B 92 -23.43 7.26 -20.20
CA GLY B 92 -24.81 6.81 -20.25
C GLY B 92 -24.98 5.56 -21.10
N GLY B 93 -23.85 4.90 -21.41
CA GLY B 93 -23.83 3.70 -22.25
C GLY B 93 -23.83 4.04 -23.75
N GLU B 94 -23.46 5.28 -24.09
CA GLU B 94 -23.52 5.71 -25.48
C GLU B 94 -22.31 6.56 -25.82
N LYS B 95 -22.01 6.63 -27.12
CA LYS B 95 -20.85 7.36 -27.62
C LYS B 95 -21.27 8.75 -28.15
N TYR B 96 -20.54 9.78 -27.72
CA TYR B 96 -20.73 11.15 -28.18
C TYR B 96 -19.46 11.55 -28.95
N ILE B 97 -19.66 12.28 -30.05
CA ILE B 97 -18.55 12.83 -30.80
C ILE B 97 -18.06 14.08 -30.06
N CYS B 98 -16.74 14.18 -29.89
CA CYS B 98 -16.12 15.31 -29.23
C CYS B 98 -16.02 16.48 -30.19
N ILE B 99 -16.41 17.69 -29.74
CA ILE B 99 -16.28 18.87 -30.60
C ILE B 99 -15.19 19.81 -30.08
N GLN B 100 -14.86 19.72 -28.79
CA GLN B 100 -13.67 20.36 -28.26
C GLN B 100 -13.31 19.71 -26.94
N ALA B 101 -12.04 19.86 -26.54
CA ALA B 101 -11.56 19.21 -25.33
C ALA B 101 -10.38 19.98 -24.77
N ASP B 102 -10.42 20.19 -23.45
CA ASP B 102 -9.28 20.81 -22.74
C ASP B 102 -9.31 20.26 -21.30
N ASN B 103 -8.39 20.68 -20.44
CA ASN B 103 -8.29 20.18 -19.05
C ASN B 103 -9.49 20.60 -18.22
N GLN B 104 -10.37 21.45 -18.75
CA GLN B 104 -11.48 21.98 -17.91
C GLN B 104 -12.82 21.87 -18.64
N LEU B 105 -12.79 21.66 -19.94
CA LEU B 105 -14.02 21.69 -20.69
C LEU B 105 -13.93 20.68 -21.84
N VAL B 106 -14.95 19.82 -21.90
CA VAL B 106 -15.14 18.91 -23.02
C VAL B 106 -16.60 19.05 -23.46
N ARG B 107 -16.83 19.33 -24.74
CA ARG B 107 -18.18 19.30 -25.29
C ARG B 107 -18.32 18.21 -26.35
N GLY B 108 -19.56 17.73 -26.53
CA GLY B 108 -19.83 16.58 -27.38
C GLY B 108 -21.21 16.66 -28.01
N ARG B 109 -21.38 15.90 -29.11
CA ARG B 109 -22.67 15.71 -29.77
C ARG B 109 -22.99 14.23 -29.99
N ARG B 110 -24.29 13.91 -29.90
CA ARG B 110 -24.81 12.63 -30.33
C ARG B 110 -26.20 12.85 -30.92
N GLY B 111 -26.27 12.92 -32.25
CA GLY B 111 -27.47 13.37 -32.92
C GLY B 111 -27.87 14.76 -32.45
N SER B 112 -29.14 14.89 -32.04
CA SER B 112 -29.72 16.14 -31.59
C SER B 112 -29.43 16.41 -30.11
N SER B 113 -28.56 15.58 -29.48
CA SER B 113 -28.25 15.71 -28.06
C SER B 113 -26.85 16.27 -27.86
N ALA B 114 -26.72 17.20 -26.90
CA ALA B 114 -25.46 17.83 -26.58
C ALA B 114 -24.98 17.34 -25.22
N LEU B 115 -23.66 17.32 -25.06
CA LEU B 115 -22.99 16.93 -23.83
C LEU B 115 -22.01 18.03 -23.45
N CYS B 116 -21.94 18.34 -22.14
CA CYS B 116 -20.98 19.30 -21.64
C CYS B 116 -20.41 18.75 -20.34
N ILE B 117 -19.07 18.71 -20.29
CA ILE B 117 -18.34 18.12 -19.20
C ILE B 117 -17.31 19.15 -18.77
N VAL B 118 -17.20 19.37 -17.45
CA VAL B 118 -16.31 20.39 -16.90
C VAL B 118 -15.60 19.78 -15.70
N ALA B 119 -14.33 20.22 -15.54
CA ALA B 119 -13.49 19.70 -14.47
C ALA B 119 -13.03 20.87 -13.63
N THR B 120 -13.25 20.76 -12.31
CA THR B 120 -12.88 21.82 -11.39
C THR B 120 -11.62 21.34 -10.70
N ASN B 121 -11.35 21.90 -9.54
CA ASN B 121 -10.10 21.56 -8.82
C ASN B 121 -10.30 20.23 -8.08
N THR B 122 -11.54 19.83 -7.84
CA THR B 122 -11.83 18.63 -7.04
C THR B 122 -13.06 17.88 -7.57
N CYS B 123 -13.67 18.36 -8.65
CA CYS B 123 -14.97 17.78 -9.06
C CYS B 123 -15.10 17.58 -10.57
N LEU B 124 -16.02 16.70 -10.98
CA LEU B 124 -16.30 16.51 -12.42
C LEU B 124 -17.80 16.74 -12.63
N LEU B 125 -18.15 17.64 -13.53
CA LEU B 125 -19.57 17.94 -13.83
C LEU B 125 -19.88 17.44 -15.23
N ALA B 126 -21.02 16.76 -15.39
CA ALA B 126 -21.40 16.29 -16.70
C ALA B 126 -22.92 16.35 -16.84
N ALA B 127 -23.39 16.70 -18.04
CA ALA B 127 -24.81 16.58 -18.34
C ALA B 127 -25.00 16.49 -19.84
N ALA B 128 -26.07 15.79 -20.26
CA ALA B 128 -26.42 15.69 -21.66
C ALA B 128 -27.91 15.98 -21.79
N THR B 129 -28.30 16.43 -22.98
CA THR B 129 -29.59 17.05 -23.18
C THR B 129 -30.54 16.12 -23.93
N VAL B 130 -31.82 16.25 -23.60
CA VAL B 130 -32.91 15.75 -24.41
C VAL B 130 -32.74 16.27 -25.83
N ASP B 131 -33.16 15.47 -26.81
CA ASP B 131 -32.96 15.79 -28.22
C ASP B 131 -33.55 17.17 -28.52
N GLY B 132 -32.75 18.02 -29.17
CA GLY B 132 -33.21 19.32 -29.64
C GLY B 132 -33.12 20.47 -28.61
N TYR B 133 -32.67 20.19 -27.37
CA TYR B 133 -32.60 21.23 -26.35
C TYR B 133 -31.40 22.13 -26.68
N PRO B 134 -31.52 23.48 -26.62
CA PRO B 134 -30.41 24.37 -26.98
C PRO B 134 -29.10 24.03 -26.29
N ALA B 135 -28.02 23.97 -27.05
CA ALA B 135 -26.71 23.57 -26.55
C ALA B 135 -26.05 24.70 -25.75
N GLY B 136 -26.23 25.94 -26.19
CA GLY B 136 -25.69 27.10 -25.49
C GLY B 136 -26.18 27.17 -24.04
N GLN B 137 -27.47 26.88 -23.83
CA GLN B 137 -28.06 26.88 -22.50
C GLN B 137 -27.37 25.86 -21.62
N LEU B 138 -27.20 24.64 -22.14
CA LEU B 138 -26.52 23.60 -21.39
C LEU B 138 -25.10 24.04 -21.07
N ASN B 139 -24.36 24.51 -22.08
CA ASN B 139 -22.97 24.92 -21.91
C ASN B 139 -22.84 26.06 -20.90
N ASN B 140 -23.76 27.03 -20.96
CA ASN B 140 -23.70 28.11 -20.01
C ASN B 140 -23.88 27.61 -18.58
N VAL B 141 -24.80 26.69 -18.39
CA VAL B 141 -25.17 26.24 -17.06
C VAL B 141 -24.02 25.45 -16.46
N ILE B 142 -23.43 24.54 -17.26
CA ILE B 142 -22.37 23.69 -16.75
C ILE B 142 -21.11 24.53 -16.56
N GLU B 143 -20.76 25.38 -17.53
CA GLU B 143 -19.51 26.13 -17.46
C GLU B 143 -19.55 27.14 -16.31
N LYS B 144 -20.69 27.77 -16.06
CA LYS B 144 -20.82 28.76 -15.00
C LYS B 144 -20.84 28.11 -13.62
N LEU B 145 -21.43 26.92 -13.51
CA LEU B 145 -21.39 26.20 -12.25
C LEU B 145 -19.96 25.78 -11.97
N GLY B 146 -19.28 25.29 -13.00
CA GLY B 146 -17.88 24.95 -12.86
C GLY B 146 -17.03 26.14 -12.49
N ASP B 147 -17.33 27.32 -13.05
CA ASP B 147 -16.57 28.55 -12.75
C ASP B 147 -16.75 28.96 -11.30
N TYR B 148 -18.00 28.81 -10.81
CA TYR B 148 -18.32 29.12 -9.43
C TYR B 148 -17.51 28.20 -8.48
N LEU B 149 -17.47 26.92 -8.79
CA LEU B 149 -16.83 25.97 -7.90
C LEU B 149 -15.34 26.21 -7.92
N ARG B 150 -14.78 26.30 -9.13
CA ARG B 150 -13.34 26.57 -9.27
C ARG B 150 -12.91 27.79 -8.46
N SER B 151 -13.76 28.81 -8.43
CA SER B 151 -13.44 30.06 -7.73
C SER B 151 -13.46 29.86 -6.21
N ASN B 152 -14.20 28.84 -5.77
CA ASN B 152 -14.24 28.43 -4.38
C ASN B 152 -13.20 27.32 -4.08
N ASN B 153 -12.34 26.99 -5.05
CA ASN B 153 -11.18 26.13 -4.91
C ASN B 153 -11.67 24.69 -4.85
N TYR B 154 -12.92 24.46 -5.25
CA TYR B 154 -13.49 23.15 -5.41
C TYR B 154 -13.42 22.78 -6.90
N SER C 24 -20.00 14.57 11.70
CA SER C 24 -20.82 15.35 12.68
C SER C 24 -19.99 16.46 13.32
N GLY C 25 -18.69 16.19 13.49
CA GLY C 25 -17.70 17.15 13.99
C GLY C 25 -16.49 17.23 13.06
N SER C 26 -15.29 17.40 13.63
CA SER C 26 -14.10 17.57 12.81
C SER C 26 -13.12 16.44 13.09
N TRP C 27 -12.20 16.26 12.16
CA TRP C 27 -11.08 15.35 12.32
C TRP C 27 -10.11 15.83 13.37
N GLN C 28 -10.08 17.14 13.64
CA GLN C 28 -9.21 17.72 14.63
C GLN C 28 -9.70 17.30 16.02
N SER C 29 -11.03 17.21 16.16
CA SER C 29 -11.66 16.79 17.40
C SER C 29 -11.24 15.34 17.73
N TYR C 30 -11.17 14.52 16.69
CA TYR C 30 -10.76 13.10 16.89
C TYR C 30 -9.33 13.11 17.39
N VAL C 31 -8.47 13.86 16.69
CA VAL C 31 -7.03 13.89 17.07
C VAL C 31 -6.92 14.45 18.47
N ASP C 32 -7.72 15.45 18.80
CA ASP C 32 -7.57 16.13 20.10
C ASP C 32 -8.27 15.34 21.20
N ASN C 33 -9.42 14.75 20.92
CA ASN C 33 -10.17 14.11 22.02
C ASN C 33 -10.05 12.59 22.01
N GLN C 34 -10.14 11.96 20.85
CA GLN C 34 -10.14 10.47 20.81
C GLN C 34 -8.72 9.92 20.94
N ILE C 35 -7.71 10.71 20.60
CA ILE C 35 -6.30 10.21 20.64
C ILE C 35 -5.44 10.94 21.67
N CYS C 36 -5.46 12.27 21.72
CA CYS C 36 -4.49 12.94 22.55
C CYS C 36 -4.92 13.02 24.01
N GLN C 37 -6.23 12.85 24.29
CA GLN C 37 -6.71 12.80 25.66
C GLN C 37 -6.57 11.42 26.28
N HIS C 38 -6.30 10.39 25.45
CA HIS C 38 -6.22 9.04 25.93
C HIS C 38 -4.80 8.49 25.82
N VAL C 39 -3.95 9.23 25.10
CA VAL C 39 -2.56 8.85 24.93
C VAL C 39 -1.72 10.12 25.04
N ASP C 40 -0.55 10.00 25.69
CA ASP C 40 0.40 11.13 25.78
C ASP C 40 1.25 11.04 24.52
N CYS C 41 0.97 11.88 23.53
CA CYS C 41 1.64 11.69 22.22
C CYS C 41 2.71 12.73 21.95
N THR C 42 3.73 12.34 21.18
CA THR C 42 4.76 13.29 20.72
C THR C 42 4.36 13.64 19.30
N LEU C 43 3.47 12.85 18.72
CA LEU C 43 3.05 13.03 17.30
C LEU C 43 1.68 12.40 17.13
N ALA C 44 0.80 13.00 16.34
CA ALA C 44 -0.53 12.41 16.06
C ALA C 44 -1.02 12.92 14.70
N ALA C 45 -1.69 12.09 13.90
CA ALA C 45 -2.06 12.56 12.56
C ALA C 45 -3.14 11.72 11.88
N ILE C 46 -4.16 12.37 11.31
CA ILE C 46 -5.18 11.65 10.51
C ILE C 46 -4.99 12.19 9.09
N ALA C 47 -4.94 11.32 8.09
CA ALA C 47 -4.62 11.70 6.72
C ALA C 47 -5.49 10.89 5.77
N ASN C 48 -5.41 11.26 4.49
CA ASN C 48 -6.06 10.53 3.41
C ASN C 48 -5.17 9.35 3.06
N ILE C 49 -5.74 8.14 3.00
CA ILE C 49 -4.93 6.92 2.78
C ILE C 49 -4.39 6.90 1.36
N GLN C 50 -4.99 7.63 0.43
CA GLN C 50 -4.58 7.53 -0.99
C GLN C 50 -3.47 8.53 -1.31
N ASP C 51 -3.51 9.72 -0.74
CA ASP C 51 -2.52 10.77 -1.12
C ASP C 51 -1.55 11.00 0.02
N GLY C 52 -2.08 11.09 1.25
CA GLY C 52 -1.23 11.46 2.40
C GLY C 52 -1.62 12.84 2.86
N SER C 53 -2.65 13.41 2.21
CA SER C 53 -3.11 14.77 2.56
C SER C 53 -3.49 14.81 4.04
N ILE C 54 -2.91 15.72 4.82
CA ILE C 54 -3.16 15.68 6.24
C ILE C 54 -4.51 16.35 6.53
N TRP C 55 -5.34 15.67 7.31
CA TRP C 55 -6.68 16.13 7.69
C TRP C 55 -6.69 16.76 9.08
N ALA C 56 -5.85 16.22 9.99
CA ALA C 56 -5.60 16.82 11.29
C ALA C 56 -4.30 16.28 11.87
N LYS C 57 -3.74 16.97 12.85
CA LYS C 57 -2.46 16.58 13.41
C LYS C 57 -2.30 17.18 14.79
N PHE C 58 -1.33 16.63 15.54
CA PHE C 58 -0.76 17.28 16.71
C PHE C 58 0.74 17.06 16.69
N GLU C 59 1.51 18.12 16.97
CA GLU C 59 2.96 18.05 17.08
C GLU C 59 3.36 18.67 18.41
N LYS C 60 4.22 17.96 19.14
CA LYS C 60 4.71 18.46 20.45
C LYS C 60 6.12 19.02 20.26
N ASP C 61 6.44 20.12 20.94
CA ASP C 61 7.80 20.70 20.88
C ASP C 61 8.18 20.94 19.41
N ASP C 62 9.27 20.31 18.95
CA ASP C 62 9.75 20.59 17.58
C ASP C 62 9.50 19.40 16.65
N LYS C 63 8.81 18.37 17.14
CA LYS C 63 8.47 17.24 16.24
C LYS C 63 7.67 17.81 15.06
N LYS C 64 7.95 17.35 13.85
CA LYS C 64 7.32 17.97 12.69
C LYS C 64 7.08 16.89 11.63
N ILE C 65 5.83 16.85 11.11
CA ILE C 65 5.39 15.74 10.27
C ILE C 65 5.37 16.21 8.82
N SER C 66 6.35 15.74 8.03
CA SER C 66 6.41 16.06 6.61
C SER C 66 5.24 15.41 5.88
N PRO C 67 4.55 16.11 4.95
CA PRO C 67 3.57 15.47 4.08
C PRO C 67 4.17 14.35 3.23
N LYS C 68 5.51 14.38 3.06
CA LYS C 68 6.26 13.37 2.34
C LYS C 68 6.40 12.09 3.16
N GLU C 69 6.63 12.25 4.47
CA GLU C 69 6.65 11.13 5.40
C GLU C 69 5.37 10.33 5.25
N LEU C 70 4.22 11.03 5.22
CA LEU C 70 2.90 10.43 5.26
C LEU C 70 2.48 9.89 3.89
N LYS C 71 2.96 10.53 2.82
CA LYS C 71 2.71 10.04 1.49
C LYS C 71 3.30 8.63 1.36
N THR C 72 4.54 8.47 1.81
CA THR C 72 5.27 7.22 1.67
C THR C 72 4.68 6.17 2.62
N ILE C 73 4.46 6.56 3.88
CA ILE C 73 3.78 5.69 4.83
C ILE C 73 2.47 5.19 4.22
N ALA C 74 1.67 6.10 3.65
CA ALA C 74 0.35 5.71 3.20
C ALA C 74 0.49 4.71 2.06
N ASP C 75 1.37 5.00 1.12
CA ASP C 75 1.56 4.17 -0.06
C ASP C 75 2.20 2.83 0.31
N THR C 76 3.06 2.80 1.33
CA THR C 76 3.73 1.55 1.69
C THR C 76 2.74 0.60 2.39
N ILE C 77 1.86 1.13 3.24
CA ILE C 77 0.97 0.28 4.01
C ILE C 77 -0.05 -0.38 3.07
N ARG C 78 -0.48 0.37 2.03
CA ARG C 78 -1.44 -0.14 1.06
C ARG C 78 -0.77 -1.08 0.07
N GLN C 79 0.45 -0.73 -0.36
CA GLN C 79 1.06 -1.35 -1.52
C GLN C 79 1.99 -2.47 -1.14
N ASN C 80 2.73 -2.29 -0.04
CA ASN C 80 3.80 -3.23 0.32
C ASN C 80 4.19 -3.05 1.79
N PRO C 81 3.35 -3.54 2.73
CA PRO C 81 3.61 -3.35 4.16
C PRO C 81 4.89 -4.03 4.66
N ASN C 82 5.33 -5.09 3.98
CA ASN C 82 6.61 -5.74 4.28
C ASN C 82 7.81 -4.80 4.15
N GLY C 83 7.66 -3.72 3.38
CA GLY C 83 8.74 -2.78 3.17
C GLY C 83 9.24 -2.16 4.49
N PHE C 84 8.32 -1.91 5.43
CA PHE C 84 8.70 -1.25 6.67
C PHE C 84 9.69 -2.11 7.46
N LEU C 85 9.66 -3.43 7.24
CA LEU C 85 10.58 -4.34 7.93
C LEU C 85 12.00 -4.13 7.41
N GLU C 86 12.14 -3.60 6.18
CA GLU C 86 13.43 -3.35 5.56
C GLU C 86 13.86 -1.92 5.88
N THR C 87 13.04 -0.94 5.52
CA THR C 87 13.38 0.48 5.58
C THR C 87 13.25 1.05 7.00
N GLY C 88 12.44 0.41 7.85
CA GLY C 88 11.97 1.07 9.07
C GLY C 88 10.86 2.06 8.73
N ILE C 89 10.48 2.89 9.70
CA ILE C 89 9.38 3.83 9.56
C ILE C 89 9.87 5.25 9.83
N HIS C 90 9.57 6.19 8.91
CA HIS C 90 10.09 7.54 9.02
C HIS C 90 8.93 8.50 9.25
N ILE C 91 8.91 9.11 10.45
CA ILE C 91 7.89 10.07 10.83
C ILE C 91 8.38 11.00 11.94
N GLY C 92 7.94 12.26 11.85
CA GLY C 92 8.36 13.30 12.78
C GLY C 92 9.82 13.68 12.61
N GLY C 93 10.41 13.26 11.47
CA GLY C 93 11.83 13.49 11.19
C GLY C 93 12.74 12.46 11.86
N GLU C 94 12.18 11.31 12.26
CA GLU C 94 12.96 10.32 12.99
C GLU C 94 12.59 8.92 12.50
N LYS C 95 13.51 7.99 12.73
CA LYS C 95 13.37 6.61 12.28
C LYS C 95 12.92 5.72 13.45
N TYR C 96 11.88 4.92 13.20
CA TYR C 96 11.38 3.94 14.15
C TYR C 96 11.63 2.55 13.56
N ILE C 97 12.01 1.62 14.42
CA ILE C 97 12.20 0.23 14.04
C ILE C 97 10.81 -0.41 13.97
N CYS C 98 10.53 -1.13 12.87
CA CYS C 98 9.24 -1.78 12.70
C CYS C 98 9.22 -3.09 13.50
N ILE C 99 8.13 -3.35 14.24
CA ILE C 99 8.03 -4.63 14.95
C ILE C 99 6.98 -5.55 14.32
N GLN C 100 6.02 -4.98 13.60
CA GLN C 100 5.11 -5.74 12.79
C GLN C 100 4.44 -4.81 11.78
N ALA C 101 3.88 -5.38 10.72
CA ALA C 101 3.29 -4.54 9.66
C ALA C 101 2.27 -5.32 8.83
N ASP C 102 1.08 -4.75 8.63
CA ASP C 102 0.07 -5.39 7.73
C ASP C 102 -0.69 -4.26 7.02
N ASN C 103 -1.64 -4.63 6.15
CA ASN C 103 -2.43 -3.65 5.37
C ASN C 103 -3.20 -2.71 6.29
N GLN C 104 -3.33 -3.04 7.57
CA GLN C 104 -4.20 -2.23 8.46
C GLN C 104 -3.47 -1.85 9.75
N LEU C 105 -2.29 -2.40 10.01
CA LEU C 105 -1.59 -2.14 11.30
C LEU C 105 -0.08 -2.19 11.14
N VAL C 106 0.61 -1.13 11.56
CA VAL C 106 2.09 -1.11 11.55
C VAL C 106 2.52 -0.53 12.89
N ARG C 107 3.30 -1.28 13.66
CA ARG C 107 3.79 -0.80 14.94
C ARG C 107 5.31 -0.67 14.89
N GLY C 108 5.84 0.24 15.72
CA GLY C 108 7.25 0.64 15.67
C GLY C 108 7.75 1.02 17.05
N ARG C 109 9.10 0.93 17.21
CA ARG C 109 9.79 1.43 18.40
C ARG C 109 10.93 2.38 18.04
N ARG C 110 11.15 3.36 18.92
CA ARG C 110 12.33 4.20 18.90
C ARG C 110 12.73 4.51 20.33
N GLY C 111 13.70 3.75 20.85
CA GLY C 111 14.01 3.77 22.27
C GLY C 111 12.77 3.42 23.10
N SER C 112 12.43 4.29 24.07
CA SER C 112 11.31 4.09 24.97
C SER C 112 10.00 4.61 24.36
N SER C 113 10.01 4.97 23.05
CA SER C 113 8.84 5.54 22.39
C SER C 113 8.24 4.53 21.43
N ALA C 114 6.89 4.45 21.43
CA ALA C 114 6.17 3.51 20.60
C ALA C 114 5.41 4.28 19.53
N LEU C 115 5.21 3.61 18.38
CA LEU C 115 4.48 4.16 17.25
C LEU C 115 3.42 3.14 16.84
N CYS C 116 2.22 3.62 16.51
CA CYS C 116 1.15 2.76 16.03
C CYS C 116 0.44 3.48 14.89
N ILE C 117 0.36 2.80 13.75
CA ILE C 117 -0.18 3.32 12.52
C ILE C 117 -1.22 2.33 12.04
N VAL C 118 -2.40 2.85 11.66
CA VAL C 118 -3.54 2.03 11.25
C VAL C 118 -4.13 2.63 9.98
N ALA C 119 -4.65 1.75 9.13
CA ALA C 119 -5.21 2.14 7.84
C ALA C 119 -6.65 1.63 7.79
N THR C 120 -7.60 2.52 7.50
CA THR C 120 -9.00 2.16 7.41
C THR C 120 -9.36 2.09 5.93
N ASN C 121 -10.65 2.19 5.59
CA ASN C 121 -11.02 2.15 4.18
C ASN C 121 -10.67 3.46 3.46
N THR C 122 -10.50 4.57 4.20
CA THR C 122 -10.26 5.88 3.59
C THR C 122 -9.22 6.71 4.34
N CYS C 123 -8.85 6.31 5.57
CA CYS C 123 -8.09 7.13 6.50
C CYS C 123 -6.80 6.43 6.90
N LEU C 124 -5.80 7.23 7.25
CA LEU C 124 -4.61 6.74 7.89
C LEU C 124 -4.55 7.39 9.26
N LEU C 125 -4.35 6.59 10.30
CA LEU C 125 -4.17 7.11 11.65
C LEU C 125 -2.74 6.82 12.11
N ALA C 126 -2.16 7.74 12.86
CA ALA C 126 -0.81 7.54 13.34
C ALA C 126 -0.61 8.30 14.64
N ALA C 127 0.14 7.71 15.56
CA ALA C 127 0.57 8.42 16.74
C ALA C 127 1.83 7.77 17.31
N ALA C 128 2.66 8.57 17.99
CA ALA C 128 3.82 8.05 18.72
C ALA C 128 3.84 8.65 20.11
N THR C 129 4.49 7.97 21.04
CA THR C 129 4.33 8.23 22.46
C THR C 129 5.56 8.92 23.04
N VAL C 130 5.30 9.74 24.05
CA VAL C 130 6.33 10.23 24.95
C VAL C 130 7.09 9.03 25.53
N ASP C 131 8.40 9.19 25.78
CA ASP C 131 9.23 8.09 26.26
C ASP C 131 8.60 7.46 27.49
N GLY C 132 8.47 6.12 27.49
CA GLY C 132 8.03 5.36 28.64
C GLY C 132 6.50 5.25 28.79
N TYR C 133 5.71 5.83 27.88
CA TYR C 133 4.26 5.73 27.96
C TYR C 133 3.87 4.32 27.53
N PRO C 134 2.97 3.60 28.25
CA PRO C 134 2.66 2.20 27.92
C PRO C 134 2.24 2.03 26.47
N ALA C 135 2.82 1.03 25.79
CA ALA C 135 2.60 0.82 24.36
C ALA C 135 1.23 0.19 24.08
N GLY C 136 0.80 -0.73 24.97
CA GLY C 136 -0.51 -1.35 24.86
C GLY C 136 -1.65 -0.32 24.80
N GLN C 137 -1.51 0.77 25.57
CA GLN C 137 -2.58 1.80 25.62
C GLN C 137 -2.63 2.57 24.29
N LEU C 138 -1.48 2.94 23.75
CA LEU C 138 -1.50 3.59 22.42
C LEU C 138 -2.12 2.63 21.43
N ASN C 139 -1.67 1.39 21.43
CA ASN C 139 -2.14 0.39 20.45
C ASN C 139 -3.64 0.16 20.57
N ASN C 140 -4.11 0.06 21.79
CA ASN C 140 -5.53 -0.16 21.96
C ASN C 140 -6.33 1.00 21.42
N VAL C 141 -5.85 2.22 21.68
CA VAL C 141 -6.61 3.41 21.35
C VAL C 141 -6.66 3.56 19.84
N ILE C 142 -5.52 3.36 19.17
CA ILE C 142 -5.45 3.56 17.74
C ILE C 142 -6.20 2.43 17.03
N GLU C 143 -6.01 1.18 17.47
CA GLU C 143 -6.64 0.04 16.81
C GLU C 143 -8.17 0.06 16.94
N LYS C 144 -8.66 0.47 18.10
CA LYS C 144 -10.09 0.54 18.37
C LYS C 144 -10.77 1.68 17.63
N LEU C 145 -10.07 2.81 17.50
CA LEU C 145 -10.59 3.91 16.74
C LEU C 145 -10.66 3.50 15.27
N GLY C 146 -9.59 2.87 14.79
CA GLY C 146 -9.59 2.35 13.43
C GLY C 146 -10.72 1.36 13.21
N ASP C 147 -11.01 0.50 14.19
CA ASP C 147 -12.05 -0.51 14.04
C ASP C 147 -13.42 0.13 13.96
N TYR C 148 -13.62 1.18 14.76
CA TYR C 148 -14.88 1.92 14.73
C TYR C 148 -15.09 2.57 13.36
N LEU C 149 -14.05 3.17 12.82
CA LEU C 149 -14.18 3.89 11.55
C LEU C 149 -14.41 2.87 10.44
N ARG C 150 -13.57 1.84 10.40
CA ARG C 150 -13.70 0.77 9.40
C ARG C 150 -15.11 0.21 9.36
N SER C 151 -15.74 0.07 10.55
CA SER C 151 -17.08 -0.50 10.64
C SER C 151 -18.12 0.46 10.06
N ASN C 152 -17.78 1.75 10.05
CA ASN C 152 -18.60 2.79 9.44
C ASN C 152 -18.19 3.06 7.98
N ASN C 153 -17.26 2.27 7.45
CA ASN C 153 -16.90 2.23 6.03
C ASN C 153 -15.98 3.40 5.74
N TYR C 154 -15.48 4.02 6.82
CA TYR C 154 -14.50 5.09 6.79
C TYR C 154 -13.07 4.49 6.93
N GLY D 23 -2.14 10.95 35.26
CA GLY D 23 -1.97 10.29 36.57
C GLY D 23 -2.97 10.82 37.60
N SER D 24 -4.25 10.43 37.45
CA SER D 24 -5.37 11.14 38.04
C SER D 24 -6.17 10.24 38.99
N GLY D 25 -6.63 10.84 40.09
CA GLY D 25 -7.64 10.25 40.95
C GLY D 25 -7.08 9.13 41.84
N SER D 26 -7.99 8.44 42.52
CA SER D 26 -7.61 7.55 43.60
C SER D 26 -8.05 6.12 43.28
N TRP D 27 -7.54 5.18 44.07
CA TRP D 27 -7.91 3.76 43.88
C TRP D 27 -9.30 3.51 44.47
N GLN D 28 -9.71 4.33 45.43
CA GLN D 28 -11.06 4.18 46.04
C GLN D 28 -12.07 4.62 44.99
N SER D 29 -11.68 5.54 44.13
CA SER D 29 -12.58 5.97 43.03
C SER D 29 -12.85 4.77 42.13
N TYR D 30 -11.80 4.02 41.78
CA TYR D 30 -11.97 2.86 40.88
C TYR D 30 -12.92 1.89 41.53
N VAL D 31 -12.77 1.71 42.84
CA VAL D 31 -13.63 0.74 43.56
C VAL D 31 -15.04 1.30 43.63
N ASP D 32 -15.14 2.59 43.82
CA ASP D 32 -16.47 3.20 44.04
C ASP D 32 -17.22 3.33 42.72
N ASN D 33 -16.50 3.68 41.66
CA ASN D 33 -17.20 3.96 40.39
C ASN D 33 -17.04 2.81 39.41
N GLN D 34 -15.81 2.47 39.07
CA GLN D 34 -15.59 1.44 38.03
C GLN D 34 -16.11 0.07 38.46
N ILE D 35 -16.27 -0.21 39.75
CA ILE D 35 -16.67 -1.58 40.19
C ILE D 35 -18.03 -1.58 40.89
N CYS D 36 -18.23 -0.72 41.89
CA CYS D 36 -19.47 -0.81 42.70
C CYS D 36 -20.66 -0.12 42.02
N GLN D 37 -20.43 0.81 41.10
CA GLN D 37 -21.54 1.39 40.36
C GLN D 37 -22.00 0.49 39.22
N HIS D 38 -21.19 -0.52 38.85
CA HIS D 38 -21.49 -1.36 37.72
C HIS D 38 -21.79 -2.79 38.15
N VAL D 39 -21.51 -3.08 39.42
CA VAL D 39 -21.79 -4.38 40.00
C VAL D 39 -22.37 -4.14 41.38
N ASP D 40 -23.31 -5.02 41.77
CA ASP D 40 -23.93 -4.93 43.08
C ASP D 40 -23.16 -5.88 43.99
N CYS D 41 -22.16 -5.33 44.66
CA CYS D 41 -21.19 -6.21 45.37
C CYS D 41 -21.41 -6.31 46.87
N THR D 42 -20.89 -7.40 47.44
CA THR D 42 -20.95 -7.60 48.90
C THR D 42 -19.57 -7.20 49.41
N LEU D 43 -18.56 -7.31 48.56
CA LEU D 43 -17.18 -6.94 48.93
C LEU D 43 -16.47 -6.51 47.66
N ALA D 44 -15.44 -5.68 47.79
CA ALA D 44 -14.66 -5.25 46.62
C ALA D 44 -13.32 -4.70 47.07
N ALA D 45 -12.24 -5.14 46.43
CA ALA D 45 -10.94 -4.68 46.87
C ALA D 45 -9.97 -4.50 45.70
N ILE D 46 -9.07 -3.52 45.88
CA ILE D 46 -7.85 -3.40 45.11
C ILE D 46 -6.67 -3.39 46.09
N ALA D 47 -5.63 -4.18 45.79
CA ALA D 47 -4.51 -4.40 46.67
C ALA D 47 -3.23 -4.45 45.86
N ASN D 48 -2.10 -4.50 46.58
CA ASN D 48 -0.78 -4.68 46.00
C ASN D 48 -0.61 -6.15 45.73
N ILE D 49 -0.23 -6.50 44.49
CA ILE D 49 -0.17 -7.90 44.11
C ILE D 49 0.96 -8.58 44.86
N GLN D 50 1.93 -7.79 45.34
CA GLN D 50 3.13 -8.35 45.94
C GLN D 50 2.91 -8.67 47.41
N ASP D 51 2.29 -7.76 48.18
CA ASP D 51 2.13 -7.96 49.60
C ASP D 51 0.72 -8.43 49.92
N GLY D 52 -0.27 -7.84 49.23
CA GLY D 52 -1.67 -7.98 49.57
C GLY D 52 -2.20 -6.77 50.34
N SER D 53 -1.33 -5.79 50.62
CA SER D 53 -1.73 -4.63 51.38
C SER D 53 -2.78 -3.89 50.58
N ILE D 54 -3.84 -3.46 51.27
CA ILE D 54 -5.07 -3.02 50.64
C ILE D 54 -4.96 -1.54 50.29
N TRP D 55 -5.32 -1.20 49.05
CA TRP D 55 -5.23 0.17 48.54
C TRP D 55 -6.61 0.85 48.56
N ALA D 56 -7.68 0.05 48.35
CA ALA D 56 -9.05 0.51 48.52
C ALA D 56 -9.98 -0.69 48.68
N LYS D 57 -11.16 -0.46 49.26
CA LYS D 57 -12.08 -1.54 49.51
C LYS D 57 -13.50 -1.01 49.63
N PHE D 58 -14.46 -1.93 49.52
CA PHE D 58 -15.83 -1.71 49.95
C PHE D 58 -16.31 -2.97 50.65
N GLU D 59 -16.96 -2.81 51.80
CA GLU D 59 -17.56 -3.90 52.55
C GLU D 59 -19.01 -3.54 52.86
N LYS D 60 -19.94 -4.44 52.54
CA LYS D 60 -21.35 -4.25 52.80
C LYS D 60 -21.70 -4.86 54.16
N ASP D 61 -22.62 -4.19 54.89
CA ASP D 61 -23.20 -4.69 56.13
C ASP D 61 -22.10 -5.31 57.01
N ASP D 62 -22.25 -6.60 57.36
CA ASP D 62 -21.28 -7.27 58.23
C ASP D 62 -20.45 -8.24 57.38
N LYS D 63 -19.63 -7.67 56.49
CA LYS D 63 -18.61 -8.41 55.76
C LYS D 63 -17.26 -7.73 56.00
N LYS D 64 -16.18 -8.52 56.13
CA LYS D 64 -14.88 -7.95 56.48
C LYS D 64 -13.76 -8.70 55.77
N ILE D 65 -12.86 -7.93 55.15
CA ILE D 65 -11.76 -8.49 54.36
C ILE D 65 -10.47 -8.43 55.16
N SER D 66 -10.02 -9.59 55.66
CA SER D 66 -8.75 -9.69 56.37
C SER D 66 -7.59 -9.38 55.42
N PRO D 67 -6.57 -8.59 55.85
CA PRO D 67 -5.35 -8.43 55.08
C PRO D 67 -4.63 -9.75 54.81
N LYS D 68 -4.92 -10.75 55.65
CA LYS D 68 -4.37 -12.09 55.56
C LYS D 68 -5.04 -12.87 54.42
N GLU D 69 -6.34 -12.72 54.29
CA GLU D 69 -7.09 -13.28 53.17
C GLU D 69 -6.42 -12.87 51.84
N LEU D 70 -6.10 -11.58 51.72
CA LEU D 70 -5.60 -10.98 50.48
C LEU D 70 -4.13 -11.26 50.27
N LYS D 71 -3.37 -11.39 51.35
CA LYS D 71 -1.97 -11.76 51.27
C LYS D 71 -1.86 -13.13 50.61
N THR D 72 -2.70 -14.08 51.06
CA THR D 72 -2.64 -15.45 50.60
C THR D 72 -3.18 -15.54 49.17
N ILE D 73 -4.34 -14.88 48.93
CA ILE D 73 -4.88 -14.79 47.59
C ILE D 73 -3.81 -14.25 46.64
N ALA D 74 -3.13 -13.17 47.03
CA ALA D 74 -2.21 -12.52 46.11
C ALA D 74 -1.05 -13.47 45.80
N ASP D 75 -0.51 -14.10 46.86
CA ASP D 75 0.63 -14.98 46.72
C ASP D 75 0.25 -16.26 45.96
N THR D 76 -0.98 -16.74 46.13
CA THR D 76 -1.37 -17.99 45.46
C THR D 76 -1.52 -17.76 43.97
N ILE D 77 -2.11 -16.62 43.57
CA ILE D 77 -2.40 -16.38 42.17
C ILE D 77 -1.10 -16.22 41.39
N ARG D 78 -0.08 -15.66 42.04
CA ARG D 78 1.18 -15.42 41.31
C ARG D 78 2.12 -16.62 41.44
N GLN D 79 1.98 -17.40 42.51
CA GLN D 79 2.96 -18.44 42.80
C GLN D 79 2.43 -19.81 42.41
N ASN D 80 1.19 -20.11 42.75
CA ASN D 80 0.63 -21.46 42.47
C ASN D 80 -0.88 -21.34 42.28
N PRO D 81 -1.36 -20.93 41.10
CA PRO D 81 -2.79 -20.69 40.90
C PRO D 81 -3.63 -21.97 41.06
N ASN D 82 -3.03 -23.12 40.77
CA ASN D 82 -3.76 -24.42 40.89
C ASN D 82 -4.13 -24.71 42.35
N GLY D 83 -3.53 -24.02 43.31
CA GLY D 83 -3.85 -24.25 44.72
C GLY D 83 -5.33 -23.98 45.03
N PHE D 84 -5.92 -22.97 44.37
CA PHE D 84 -7.29 -22.60 44.68
C PHE D 84 -8.26 -23.76 44.35
N LEU D 85 -7.84 -24.65 43.45
CA LEU D 85 -8.67 -25.81 43.10
C LEU D 85 -8.73 -26.79 44.26
N GLU D 86 -7.71 -26.75 45.14
CA GLU D 86 -7.65 -27.61 46.30
C GLU D 86 -8.30 -26.92 47.50
N THR D 87 -7.80 -25.73 47.84
CA THR D 87 -8.19 -25.03 49.05
C THR D 87 -9.54 -24.31 48.92
N GLY D 88 -9.95 -24.00 47.68
CA GLY D 88 -11.00 -23.01 47.46
C GLY D 88 -10.45 -21.60 47.68
N ILE D 89 -11.34 -20.62 47.84
CA ILE D 89 -10.95 -19.22 47.96
C ILE D 89 -11.54 -18.64 49.25
N HIS D 90 -10.70 -17.98 50.06
CA HIS D 90 -11.15 -17.46 51.33
C HIS D 90 -11.11 -15.94 51.31
N ILE D 91 -12.30 -15.32 51.39
CA ILE D 91 -12.43 -13.87 51.40
C ILE D 91 -13.76 -13.44 52.03
N GLY D 92 -13.68 -12.33 52.76
CA GLY D 92 -14.82 -11.78 53.48
C GLY D 92 -15.20 -12.65 54.68
N GLY D 93 -14.28 -13.56 55.07
CA GLY D 93 -14.51 -14.50 56.15
C GLY D 93 -15.29 -15.74 55.70
N GLU D 94 -15.34 -16.00 54.39
CA GLU D 94 -16.16 -17.09 53.88
C GLU D 94 -15.41 -17.80 52.76
N LYS D 95 -15.81 -19.06 52.52
CA LYS D 95 -15.18 -19.91 51.53
C LYS D 95 -16.01 -19.94 50.24
N TYR D 96 -15.32 -19.73 49.11
CA TYR D 96 -15.92 -19.82 47.78
C TYR D 96 -15.28 -21.02 47.07
N ILE D 97 -16.12 -21.75 46.33
CA ILE D 97 -15.65 -22.84 45.49
C ILE D 97 -15.04 -22.24 44.24
N CYS D 98 -13.84 -22.68 43.88
CA CYS D 98 -13.13 -22.19 42.71
C CYS D 98 -13.70 -22.87 41.47
N ILE D 99 -13.95 -22.10 40.40
CA ILE D 99 -14.48 -22.58 39.14
C ILE D 99 -13.38 -22.62 38.08
N GLN D 100 -12.41 -21.73 38.24
CA GLN D 100 -11.27 -21.64 37.31
C GLN D 100 -10.16 -20.82 37.96
N ALA D 101 -8.93 -20.99 37.51
CA ALA D 101 -7.81 -20.26 38.12
C ALA D 101 -6.59 -20.18 37.19
N ASP D 102 -6.00 -18.99 37.10
CA ASP D 102 -4.74 -18.82 36.34
C ASP D 102 -4.01 -17.61 36.96
N ASN D 103 -2.82 -17.27 36.48
CA ASN D 103 -2.02 -16.18 37.09
C ASN D 103 -2.67 -14.81 36.90
N GLN D 104 -3.75 -14.73 36.12
CA GLN D 104 -4.38 -13.41 35.84
C GLN D 104 -5.88 -13.47 36.15
N LEU D 105 -6.43 -14.67 36.37
CA LEU D 105 -7.89 -14.77 36.55
C LEU D 105 -8.29 -15.92 37.45
N VAL D 106 -9.14 -15.65 38.44
CA VAL D 106 -9.68 -16.71 39.33
C VAL D 106 -11.15 -16.39 39.55
N ARG D 107 -12.03 -17.36 39.29
CA ARG D 107 -13.46 -17.17 39.56
C ARG D 107 -13.96 -18.19 40.57
N GLY D 108 -15.02 -17.84 41.30
CA GLY D 108 -15.51 -18.63 42.41
C GLY D 108 -17.01 -18.50 42.60
N ARG D 109 -17.62 -19.47 43.28
CA ARG D 109 -19.04 -19.46 43.66
C ARG D 109 -19.22 -19.78 45.14
N ARG D 110 -20.25 -19.15 45.74
CA ARG D 110 -20.70 -19.47 47.08
C ARG D 110 -22.21 -19.28 47.11
N GLY D 111 -22.95 -20.39 46.97
CA GLY D 111 -24.38 -20.32 46.77
C GLY D 111 -24.70 -19.48 45.53
N SER D 112 -25.58 -18.48 45.71
CA SER D 112 -26.02 -17.64 44.61
C SER D 112 -25.06 -16.46 44.40
N SER D 113 -23.90 -16.45 45.06
CA SER D 113 -22.95 -15.35 44.98
C SER D 113 -21.73 -15.76 44.15
N ALA D 114 -21.24 -14.83 43.32
CA ALA D 114 -20.11 -15.06 42.45
C ALA D 114 -18.95 -14.20 42.89
N LEU D 115 -17.73 -14.67 42.62
CA LEU D 115 -16.49 -14.00 42.96
C LEU D 115 -15.63 -13.95 41.71
N CYS D 116 -14.96 -12.82 41.47
CA CYS D 116 -14.03 -12.69 40.36
C CYS D 116 -12.81 -11.92 40.84
N ILE D 117 -11.65 -12.53 40.61
CA ILE D 117 -10.37 -12.04 41.11
C ILE D 117 -9.42 -11.99 39.92
N VAL D 118 -8.74 -10.85 39.75
CA VAL D 118 -7.87 -10.63 38.61
C VAL D 118 -6.56 -10.04 39.12
N ALA D 119 -5.46 -10.40 38.42
CA ALA D 119 -4.14 -9.94 38.80
C ALA D 119 -3.53 -9.22 37.60
N THR D 120 -3.05 -7.99 37.82
CA THR D 120 -2.45 -7.22 36.74
C THR D 120 -0.93 -7.30 36.92
N ASN D 121 -0.18 -6.36 36.33
CA ASN D 121 1.25 -6.35 36.52
C ASN D 121 1.65 -5.88 37.92
N THR D 122 0.74 -5.16 38.59
CA THR D 122 1.06 -4.53 39.88
C THR D 122 -0.12 -4.58 40.84
N CYS D 123 -1.31 -4.94 40.36
CA CYS D 123 -2.49 -4.83 41.24
C CYS D 123 -3.25 -6.14 41.36
N LEU D 124 -4.06 -6.24 42.41
CA LEU D 124 -4.95 -7.41 42.53
C LEU D 124 -6.36 -6.84 42.68
N LEU D 125 -7.27 -7.28 41.84
CA LEU D 125 -8.66 -6.79 41.87
C LEU D 125 -9.55 -7.93 42.36
N ALA D 126 -10.58 -7.61 43.14
CA ALA D 126 -11.47 -8.65 43.64
C ALA D 126 -12.84 -8.04 43.89
N ALA D 127 -13.89 -8.81 43.62
CA ALA D 127 -15.23 -8.45 44.06
C ALA D 127 -16.10 -9.70 44.11
N ALA D 128 -17.11 -9.66 44.99
CA ALA D 128 -18.11 -10.73 45.05
C ALA D 128 -19.49 -10.08 45.09
N THR D 129 -20.49 -10.84 44.66
CA THR D 129 -21.79 -10.29 44.31
C THR D 129 -22.83 -10.63 45.37
N VAL D 130 -23.79 -9.71 45.52
CA VAL D 130 -25.04 -9.97 46.19
C VAL D 130 -25.69 -11.19 45.55
N ASP D 131 -26.42 -11.98 46.36
CA ASP D 131 -27.00 -13.24 45.89
C ASP D 131 -27.85 -12.98 44.66
N GLY D 132 -27.64 -13.78 43.60
CA GLY D 132 -28.47 -13.76 42.40
C GLY D 132 -28.03 -12.74 41.34
N TYR D 133 -27.00 -11.92 41.61
CA TYR D 133 -26.55 -10.92 40.64
C TYR D 133 -25.81 -11.64 39.51
N PRO D 134 -26.08 -11.33 38.22
CA PRO D 134 -25.47 -12.06 37.10
C PRO D 134 -23.94 -12.10 37.20
N ALA D 135 -23.37 -13.30 37.03
CA ALA D 135 -21.93 -13.50 37.16
C ALA D 135 -21.17 -12.96 35.93
N GLY D 136 -21.75 -13.07 34.73
CA GLY D 136 -21.11 -12.53 33.53
C GLY D 136 -20.82 -11.03 33.65
N GLN D 137 -21.78 -10.29 34.21
CA GLN D 137 -21.64 -8.86 34.40
C GLN D 137 -20.45 -8.57 35.31
N LEU D 138 -20.38 -9.28 36.43
CA LEU D 138 -19.27 -9.13 37.36
C LEU D 138 -17.96 -9.44 36.65
N ASN D 139 -17.91 -10.58 35.96
CA ASN D 139 -16.69 -11.02 35.28
C ASN D 139 -16.24 -10.03 34.21
N ASN D 140 -17.20 -9.50 33.47
CA ASN D 140 -16.85 -8.54 32.44
C ASN D 140 -16.24 -7.30 33.01
N VAL D 141 -16.80 -6.83 34.13
CA VAL D 141 -16.37 -5.59 34.73
C VAL D 141 -14.97 -5.72 35.28
N ILE D 142 -14.71 -6.82 35.98
CA ILE D 142 -13.42 -7.02 36.63
C ILE D 142 -12.35 -7.30 35.57
N GLU D 143 -12.67 -8.16 34.59
CA GLU D 143 -11.66 -8.58 33.63
C GLU D 143 -11.29 -7.41 32.72
N LYS D 144 -12.27 -6.56 32.35
CA LYS D 144 -12.02 -5.43 31.47
C LYS D 144 -11.25 -4.33 32.16
N LEU D 145 -11.52 -4.12 33.44
CA LEU D 145 -10.75 -3.15 34.20
C LEU D 145 -9.31 -3.64 34.31
N GLY D 146 -9.17 -4.93 34.62
CA GLY D 146 -7.83 -5.52 34.67
C GLY D 146 -7.11 -5.38 33.34
N ASP D 147 -7.83 -5.55 32.21
CA ASP D 147 -7.22 -5.47 30.89
C ASP D 147 -6.74 -4.06 30.59
N TYR D 148 -7.54 -3.07 30.99
CA TYR D 148 -7.14 -1.67 30.83
C TYR D 148 -5.86 -1.35 31.63
N LEU D 149 -5.79 -1.83 32.85
CA LEU D 149 -4.64 -1.53 33.71
C LEU D 149 -3.40 -2.22 33.14
N ARG D 150 -3.55 -3.52 32.86
CA ARG D 150 -2.46 -4.30 32.30
C ARG D 150 -1.89 -3.65 31.05
N SER D 151 -2.75 -3.06 30.21
CA SER D 151 -2.34 -2.44 28.97
C SER D 151 -1.55 -1.17 29.23
N ASN D 152 -1.77 -0.57 30.39
CA ASN D 152 -0.99 0.57 30.86
C ASN D 152 0.21 0.14 31.73
N ASN D 153 0.48 -1.15 31.83
CA ASN D 153 1.65 -1.75 32.45
C ASN D 153 1.52 -1.71 33.97
N TYR D 154 0.28 -1.56 34.43
CA TYR D 154 -0.08 -1.57 35.84
C TYR D 154 -0.77 -2.92 36.18
N SER E 24 1.11 -37.47 28.80
CA SER E 24 1.41 -38.36 27.65
C SER E 24 2.48 -37.72 26.77
N GLY E 25 3.39 -38.55 26.25
CA GLY E 25 4.60 -38.11 25.58
C GLY E 25 5.59 -37.45 26.55
N SER E 26 6.61 -36.80 25.97
CA SER E 26 7.61 -36.10 26.76
C SER E 26 7.56 -34.62 26.47
N TRP E 27 8.19 -33.84 27.35
CA TRP E 27 8.37 -32.41 27.15
C TRP E 27 9.34 -32.13 26.00
N GLN E 28 10.23 -33.08 25.73
CA GLN E 28 11.20 -32.94 24.65
C GLN E 28 10.47 -33.01 23.31
N SER E 29 9.43 -33.85 23.25
CA SER E 29 8.61 -34.01 22.08
C SER E 29 7.89 -32.69 21.74
N TYR E 30 7.43 -31.98 22.77
CA TYR E 30 6.81 -30.68 22.62
C TYR E 30 7.76 -29.69 21.96
N VAL E 31 9.01 -29.67 22.44
CA VAL E 31 10.03 -28.76 21.93
C VAL E 31 10.35 -29.15 20.50
N ASP E 32 10.61 -30.43 20.28
CA ASP E 32 11.11 -30.85 18.96
C ASP E 32 10.00 -30.81 17.93
N ASN E 33 8.77 -31.06 18.36
CA ASN E 33 7.67 -31.17 17.37
C ASN E 33 6.74 -29.95 17.44
N GLN E 34 6.06 -29.73 18.57
CA GLN E 34 5.06 -28.64 18.64
C GLN E 34 5.71 -27.26 18.50
N ILE E 35 7.04 -27.15 18.49
CA ILE E 35 7.67 -25.81 18.45
C ILE E 35 8.74 -25.74 17.37
N CYS E 36 9.73 -26.63 17.40
CA CYS E 36 10.84 -26.49 16.47
C CYS E 36 10.47 -26.90 15.05
N GLN E 37 9.40 -27.69 14.88
CA GLN E 37 8.92 -28.03 13.54
C GLN E 37 8.01 -26.94 12.96
N HIS E 38 7.56 -25.99 13.77
CA HIS E 38 6.64 -24.98 13.30
C HIS E 38 7.28 -23.59 13.32
N VAL E 39 8.44 -23.51 13.98
CA VAL E 39 9.20 -22.27 14.04
C VAL E 39 10.66 -22.62 13.81
N ASP E 40 11.38 -21.71 13.16
CA ASP E 40 12.79 -21.91 12.88
C ASP E 40 13.56 -21.20 13.97
N CYS E 41 14.09 -21.98 14.93
CA CYS E 41 14.53 -21.47 16.21
C CYS E 41 16.05 -21.48 16.31
N THR E 42 16.59 -20.46 16.99
CA THR E 42 17.95 -20.51 17.49
C THR E 42 17.94 -21.20 18.85
N LEU E 43 16.84 -21.00 19.58
CA LEU E 43 16.72 -21.57 20.93
C LEU E 43 15.26 -21.85 21.29
N ALA E 44 15.04 -22.85 22.11
CA ALA E 44 13.70 -23.16 22.62
C ALA E 44 13.77 -23.90 23.95
N ALA E 45 12.91 -23.56 24.90
CA ALA E 45 12.97 -24.17 26.23
C ALA E 45 11.59 -24.24 26.89
N ILE E 46 11.39 -25.32 27.63
CA ILE E 46 10.31 -25.47 28.59
C ILE E 46 10.94 -25.77 29.95
N ALA E 47 10.45 -25.11 31.00
CA ALA E 47 11.03 -25.13 32.32
C ALA E 47 9.91 -25.11 33.37
N ASN E 48 10.31 -25.28 34.63
CA ASN E 48 9.44 -25.18 35.77
C ASN E 48 9.31 -23.70 36.09
N ILE E 49 8.07 -23.20 36.21
CA ILE E 49 7.87 -21.78 36.36
C ILE E 49 8.38 -21.34 37.73
N GLN E 50 8.47 -22.29 38.66
CA GLN E 50 8.82 -21.92 40.06
C GLN E 50 10.34 -21.86 40.26
N ASP E 51 11.09 -22.74 39.61
CA ASP E 51 12.55 -22.79 39.88
C ASP E 51 13.33 -22.30 38.68
N GLY E 52 12.94 -22.71 37.48
CA GLY E 52 13.73 -22.40 36.28
C GLY E 52 14.36 -23.68 35.82
N SER E 53 14.14 -24.74 36.60
CA SER E 53 14.68 -26.08 36.25
C SER E 53 14.24 -26.41 34.83
N ILE E 54 15.15 -26.90 34.00
CA ILE E 54 14.84 -27.06 32.58
C ILE E 54 14.27 -28.46 32.37
N TRP E 55 13.13 -28.53 31.67
CA TRP E 55 12.44 -29.78 31.39
C TRP E 55 12.76 -30.31 29.99
N ALA E 56 12.95 -29.39 29.03
CA ALA E 56 13.44 -29.71 27.70
C ALA E 56 13.96 -28.44 27.04
N LYS E 57 14.74 -28.61 25.97
CA LYS E 57 15.39 -27.46 25.35
C LYS E 57 15.86 -27.86 23.96
N PHE E 58 16.14 -26.83 23.15
CA PHE E 58 16.90 -26.97 21.92
C PHE E 58 17.82 -25.77 21.81
N GLU E 59 19.09 -26.03 21.45
CA GLU E 59 20.09 -25.01 21.22
C GLU E 59 20.73 -25.27 19.86
N LYS E 60 20.77 -24.23 19.02
CA LYS E 60 21.39 -24.31 17.70
C LYS E 60 22.85 -23.92 17.78
N ASP E 61 23.70 -24.59 16.99
CA ASP E 61 25.11 -24.26 16.81
C ASP E 61 25.74 -23.95 18.16
N ASP E 62 26.31 -22.75 18.32
CA ASP E 62 26.98 -22.36 19.55
C ASP E 62 26.10 -21.33 20.27
N LYS E 63 24.95 -21.80 20.75
CA LYS E 63 24.08 -21.05 21.65
C LYS E 63 23.83 -21.91 22.88
N LYS E 64 23.77 -21.29 24.06
CA LYS E 64 23.64 -22.09 25.30
C LYS E 64 22.67 -21.40 26.26
N ILE E 65 21.68 -22.16 26.75
CA ILE E 65 20.67 -21.57 27.65
C ILE E 65 21.16 -21.73 29.09
N SER E 66 21.62 -20.63 29.69
CA SER E 66 22.12 -20.68 31.08
C SER E 66 20.96 -20.93 32.04
N PRO E 67 20.96 -21.99 32.86
CA PRO E 67 19.89 -22.18 33.84
C PRO E 67 19.74 -20.90 34.69
N LYS E 68 20.77 -20.05 34.71
CA LYS E 68 20.68 -18.76 35.43
C LYS E 68 19.70 -17.87 34.68
N GLU E 69 19.84 -17.85 33.36
CA GLU E 69 18.94 -17.02 32.52
C GLU E 69 17.49 -17.40 32.82
N LEU E 70 17.21 -18.69 32.89
CA LEU E 70 15.79 -19.14 33.06
C LEU E 70 15.28 -18.92 34.48
N LYS E 71 16.14 -19.07 35.49
CA LYS E 71 15.66 -18.92 36.89
C LYS E 71 15.21 -17.49 37.08
N THR E 72 15.95 -16.55 36.52
CA THR E 72 15.66 -15.14 36.64
C THR E 72 14.44 -14.79 35.78
N ILE E 73 14.43 -15.27 34.53
CA ILE E 73 13.27 -15.10 33.67
C ILE E 73 12.03 -15.60 34.39
N ALA E 74 12.10 -16.80 34.98
CA ALA E 74 10.90 -17.40 35.55
C ALA E 74 10.41 -16.53 36.70
N ASP E 75 11.35 -16.12 37.57
CA ASP E 75 11.04 -15.33 38.74
C ASP E 75 10.55 -13.93 38.37
N THR E 76 11.08 -13.35 37.29
CA THR E 76 10.68 -12.01 36.92
C THR E 76 9.25 -12.00 36.34
N ILE E 77 8.91 -12.98 35.51
CA ILE E 77 7.59 -12.95 34.85
C ILE E 77 6.52 -13.15 35.91
N ARG E 78 6.84 -13.84 36.99
CA ARG E 78 5.75 -14.12 37.96
C ARG E 78 5.74 -13.07 39.06
N GLN E 79 6.88 -12.41 39.28
CA GLN E 79 6.97 -11.48 40.44
C GLN E 79 6.98 -10.02 40.01
N ASN E 80 7.75 -9.66 38.98
CA ASN E 80 7.69 -8.26 38.47
C ASN E 80 7.86 -8.28 36.95
N PRO E 81 6.81 -8.57 36.15
CA PRO E 81 7.01 -8.57 34.69
C PRO E 81 7.44 -7.23 34.10
N ASN E 82 7.11 -6.12 34.78
CA ASN E 82 7.55 -4.79 34.35
C ASN E 82 9.07 -4.66 34.37
N GLY E 83 9.75 -5.51 35.13
CA GLY E 83 11.21 -5.45 35.23
C GLY E 83 11.88 -5.63 33.88
N PHE E 84 11.31 -6.46 32.99
CA PHE E 84 11.97 -6.72 31.73
C PHE E 84 12.08 -5.45 30.88
N LEU E 85 11.19 -4.48 31.13
CA LEU E 85 11.23 -3.21 30.41
C LEU E 85 12.46 -2.40 30.83
N GLU E 86 12.97 -2.67 32.04
CA GLU E 86 14.14 -1.98 32.57
C GLU E 86 15.41 -2.76 32.20
N THR E 87 15.46 -4.04 32.58
CA THR E 87 16.64 -4.87 32.46
C THR E 87 16.85 -5.40 31.04
N GLY E 88 15.77 -5.48 30.25
CA GLY E 88 15.78 -6.32 29.05
C GLY E 88 15.65 -7.80 29.43
N ILE E 89 15.88 -8.69 28.45
CA ILE E 89 15.72 -10.12 28.65
C ILE E 89 17.02 -10.84 28.29
N HIS E 90 17.50 -11.72 29.19
CA HIS E 90 18.80 -12.35 28.99
C HIS E 90 18.60 -13.85 28.79
N ILE E 91 18.90 -14.32 27.55
CA ILE E 91 18.78 -15.72 27.21
C ILE E 91 19.69 -16.10 26.04
N GLY E 92 20.23 -17.33 26.13
CA GLY E 92 21.16 -17.85 25.16
C GLY E 92 22.51 -17.14 25.23
N GLY E 93 22.75 -16.42 26.33
CA GLY E 93 23.96 -15.64 26.52
C GLY E 93 23.90 -14.26 25.85
N GLU E 94 22.70 -13.80 25.50
CA GLU E 94 22.56 -12.53 24.79
C GLU E 94 21.37 -11.76 25.33
N LYS E 95 21.38 -10.44 25.07
CA LYS E 95 20.36 -9.53 25.59
C LYS E 95 19.37 -9.19 24.48
N TYR E 96 18.07 -9.31 24.81
CA TYR E 96 16.97 -8.95 23.93
C TYR E 96 16.25 -7.75 24.53
N ILE E 97 15.82 -6.83 23.66
CA ILE E 97 15.02 -5.70 24.08
C ILE E 97 13.59 -6.17 24.27
N CYS E 98 12.98 -5.83 25.41
CA CYS E 98 11.59 -6.19 25.67
C CYS E 98 10.65 -5.24 24.93
N ILE E 99 9.61 -5.78 24.28
CA ILE E 99 8.65 -4.92 23.58
C ILE E 99 7.29 -4.93 24.30
N GLN E 100 7.02 -5.98 25.07
CA GLN E 100 5.88 -5.96 25.99
C GLN E 100 6.08 -7.05 27.03
N ALA E 101 5.37 -6.94 28.15
CA ALA E 101 5.54 -7.84 29.26
C ALA E 101 4.28 -7.86 30.09
N ASP E 102 3.88 -9.07 30.48
CA ASP E 102 2.93 -9.24 31.55
C ASP E 102 3.19 -10.63 32.13
N ASN E 103 2.39 -10.97 33.14
CA ASN E 103 2.44 -12.21 33.91
C ASN E 103 2.39 -13.47 33.05
N GLN E 104 1.94 -13.34 31.80
CA GLN E 104 1.64 -14.50 30.97
C GLN E 104 2.42 -14.45 29.66
N LEU E 105 2.88 -13.26 29.26
CA LEU E 105 3.44 -13.06 27.95
C LEU E 105 4.51 -11.97 28.00
N VAL E 106 5.69 -12.30 27.48
CA VAL E 106 6.78 -11.36 27.30
C VAL E 106 7.31 -11.56 25.89
N ARG E 107 7.40 -10.48 25.09
CA ARG E 107 8.03 -10.55 23.78
C ARG E 107 9.26 -9.65 23.72
N GLY E 108 10.19 -9.98 22.82
CA GLY E 108 11.48 -9.31 22.77
C GLY E 108 12.06 -9.30 21.36
N ARG E 109 13.00 -8.37 21.10
CA ARG E 109 13.77 -8.30 19.86
C ARG E 109 15.28 -8.24 20.11
N ARG E 110 16.05 -8.84 19.20
CA ARG E 110 17.49 -8.67 19.13
C ARG E 110 17.90 -8.69 17.66
N GLY E 111 18.08 -7.50 17.08
CA GLY E 111 18.25 -7.38 15.65
C GLY E 111 17.05 -7.96 14.92
N SER E 112 17.32 -8.86 13.95
CA SER E 112 16.29 -9.47 13.14
C SER E 112 15.68 -10.70 13.82
N SER E 113 16.01 -10.93 15.11
CA SER E 113 15.55 -12.11 15.84
C SER E 113 14.49 -11.72 16.85
N ALA E 114 13.44 -12.55 16.96
CA ALA E 114 12.33 -12.31 17.87
C ALA E 114 12.36 -13.35 18.97
N LEU E 115 11.83 -12.97 20.14
CA LEU E 115 11.76 -13.82 21.31
C LEU E 115 10.31 -13.78 21.81
N CYS E 116 9.77 -14.94 22.22
CA CYS E 116 8.45 -15.00 22.80
C CYS E 116 8.48 -15.96 23.97
N ILE E 117 8.02 -15.47 25.13
CA ILE E 117 8.09 -16.16 26.38
C ILE E 117 6.70 -16.13 26.98
N VAL E 118 6.22 -17.30 27.43
CA VAL E 118 4.88 -17.43 27.99
C VAL E 118 4.98 -18.21 29.29
N ALA E 119 4.07 -17.87 30.21
CA ALA E 119 4.03 -18.52 31.52
C ALA E 119 2.65 -19.11 31.70
N THR E 120 2.59 -20.42 31.98
CA THR E 120 1.31 -21.08 32.22
C THR E 120 1.16 -21.20 33.74
N ASN E 121 0.29 -22.11 34.19
CA ASN E 121 0.10 -22.25 35.63
C ASN E 121 1.28 -23.00 36.29
N THR E 122 2.09 -23.73 35.53
CA THR E 122 3.19 -24.51 36.09
C THR E 122 4.45 -24.48 35.22
N CYS E 123 4.36 -23.99 33.98
CA CYS E 123 5.39 -24.12 32.96
C CYS E 123 5.86 -22.75 32.48
N LEU E 124 7.09 -22.69 32.01
CA LEU E 124 7.59 -21.53 31.31
C LEU E 124 7.98 -22.00 29.92
N LEU E 125 7.50 -21.30 28.89
CA LEU E 125 7.87 -21.61 27.50
C LEU E 125 8.66 -20.45 26.95
N ALA E 126 9.67 -20.75 26.12
CA ALA E 126 10.48 -19.71 25.53
C ALA E 126 11.05 -20.19 24.20
N ALA E 127 11.07 -19.29 23.21
CA ALA E 127 11.80 -19.56 21.98
C ALA E 127 12.23 -18.26 21.32
N ALA E 128 13.32 -18.31 20.56
CA ALA E 128 13.81 -17.18 19.79
C ALA E 128 14.14 -17.66 18.39
N THR E 129 14.06 -16.74 17.42
CA THR E 129 14.01 -17.09 16.01
C THR E 129 15.33 -16.80 15.31
N VAL E 130 15.61 -17.61 14.30
CA VAL E 130 16.61 -17.32 13.29
C VAL E 130 16.32 -15.95 12.70
N ASP E 131 17.37 -15.22 12.30
CA ASP E 131 17.23 -13.85 11.83
C ASP E 131 16.23 -13.82 10.67
N GLY E 132 15.25 -12.90 10.74
CA GLY E 132 14.33 -12.66 9.65
C GLY E 132 13.09 -13.57 9.61
N TYR E 133 12.97 -14.51 10.57
CA TYR E 133 11.81 -15.39 10.61
C TYR E 133 10.60 -14.60 11.10
N PRO E 134 9.40 -14.72 10.46
CA PRO E 134 8.22 -13.95 10.87
C PRO E 134 7.92 -14.05 12.36
N ALA E 135 7.69 -12.90 13.01
CA ALA E 135 7.52 -12.85 14.46
C ALA E 135 6.11 -13.29 14.86
N GLY E 136 5.11 -12.95 14.06
CA GLY E 136 3.74 -13.39 14.31
C GLY E 136 3.61 -14.90 14.39
N GLN E 137 4.32 -15.62 13.51
CA GLN E 137 4.32 -17.07 13.49
C GLN E 137 4.85 -17.60 14.81
N LEU E 138 5.98 -17.06 15.26
CA LEU E 138 6.56 -17.48 16.53
C LEU E 138 5.58 -17.20 17.66
N ASN E 139 5.04 -15.98 17.70
CA ASN E 139 4.12 -15.56 18.75
C ASN E 139 2.87 -16.44 18.78
N ASN E 140 2.32 -16.74 17.60
CA ASN E 140 1.13 -17.56 17.57
C ASN E 140 1.39 -18.94 18.12
N VAL E 141 2.55 -19.52 17.79
CA VAL E 141 2.87 -20.88 18.16
C VAL E 141 3.05 -20.96 19.67
N ILE E 142 3.78 -20.01 20.25
CA ILE E 142 4.06 -20.06 21.67
C ILE E 142 2.79 -19.71 22.45
N GLU E 143 2.05 -18.68 22.03
CA GLU E 143 0.88 -18.24 22.77
C GLU E 143 -0.24 -19.27 22.75
N LYS E 144 -0.41 -19.97 21.62
CA LYS E 144 -1.43 -20.99 21.48
C LYS E 144 -1.09 -22.25 22.25
N LEU E 145 0.20 -22.60 22.29
CA LEU E 145 0.61 -23.75 23.08
C LEU E 145 0.39 -23.43 24.55
N GLY E 146 0.76 -22.21 24.95
CA GLY E 146 0.54 -21.78 26.32
C GLY E 146 -0.93 -21.80 26.67
N ASP E 147 -1.81 -21.40 25.73
CA ASP E 147 -3.24 -21.37 25.99
C ASP E 147 -3.79 -22.77 26.18
N TYR E 148 -3.29 -23.70 25.36
CA TYR E 148 -3.69 -25.11 25.48
C TYR E 148 -3.30 -25.67 26.85
N LEU E 149 -2.09 -25.40 27.29
CA LEU E 149 -1.60 -25.95 28.56
C LEU E 149 -2.38 -25.33 29.71
N ARG E 150 -2.47 -24.00 29.69
CA ARG E 150 -3.22 -23.27 30.72
C ARG E 150 -4.62 -23.83 30.89
N SER E 151 -5.26 -24.20 29.77
CA SER E 151 -6.64 -24.69 29.77
C SER E 151 -6.70 -26.09 30.39
N ASN E 152 -5.57 -26.81 30.34
CA ASN E 152 -5.43 -28.09 31.01
C ASN E 152 -4.83 -27.96 32.42
N ASN E 153 -4.70 -26.72 32.93
CA ASN E 153 -4.37 -26.42 34.31
C ASN E 153 -2.86 -26.60 34.50
N TYR E 154 -2.15 -26.80 33.38
CA TYR E 154 -0.71 -26.88 33.33
C TYR E 154 -0.09 -25.49 33.04
N GLY F 23 3.36 25.21 -40.42
CA GLY F 23 4.63 25.92 -40.18
C GLY F 23 5.55 25.12 -39.24
N SER F 24 6.58 25.78 -38.72
CA SER F 24 7.64 25.12 -37.99
C SER F 24 8.44 26.11 -37.14
N GLY F 25 8.88 25.67 -35.96
CA GLY F 25 9.87 26.37 -35.15
C GLY F 25 10.43 25.48 -34.04
N SER F 26 11.16 26.13 -33.11
CA SER F 26 11.63 25.42 -31.93
C SER F 26 10.96 25.98 -30.69
N TRP F 27 10.97 25.15 -29.64
CA TRP F 27 10.48 25.58 -28.35
C TRP F 27 11.42 26.59 -27.70
N GLN F 28 12.68 26.60 -28.11
CA GLN F 28 13.66 27.53 -27.59
C GLN F 28 13.33 28.93 -28.10
N SER F 29 12.84 29.00 -29.34
CA SER F 29 12.42 30.25 -29.96
C SER F 29 11.28 30.88 -29.17
N TYR F 30 10.34 30.04 -28.70
CA TYR F 30 9.22 30.48 -27.89
C TYR F 30 9.71 31.14 -26.61
N VAL F 31 10.68 30.49 -25.95
CA VAL F 31 11.25 30.99 -24.70
C VAL F 31 11.99 32.29 -24.98
N ASP F 32 12.81 32.25 -26.03
CA ASP F 32 13.67 33.37 -26.35
C ASP F 32 12.83 34.55 -26.80
N ASN F 33 11.84 34.29 -27.65
CA ASN F 33 11.12 35.45 -28.25
C ASN F 33 9.78 35.69 -27.56
N GLN F 34 8.84 34.76 -27.65
CA GLN F 34 7.48 35.01 -27.12
C GLN F 34 7.50 35.32 -25.63
N ILE F 35 8.54 34.92 -24.91
CA ILE F 35 8.53 35.10 -23.42
C ILE F 35 9.64 36.05 -22.95
N CYS F 36 10.89 35.78 -23.28
CA CYS F 36 11.97 36.54 -22.66
C CYS F 36 12.14 37.93 -23.29
N GLN F 37 11.63 38.13 -24.50
CA GLN F 37 11.65 39.45 -25.12
C GLN F 37 10.48 40.32 -24.64
N HIS F 38 9.47 39.71 -24.00
CA HIS F 38 8.29 40.47 -23.62
C HIS F 38 8.17 40.55 -22.09
N VAL F 39 9.01 39.79 -21.40
CA VAL F 39 9.07 39.80 -19.96
C VAL F 39 10.54 39.77 -19.56
N ASP F 40 10.90 40.49 -18.49
CA ASP F 40 12.28 40.43 -17.92
C ASP F 40 12.27 39.28 -16.93
N CYS F 41 12.89 38.16 -17.30
CA CYS F 41 12.71 36.94 -16.48
C CYS F 41 13.95 36.53 -15.70
N THR F 42 13.74 35.97 -14.51
CA THR F 42 14.85 35.37 -13.73
C THR F 42 14.94 33.94 -14.23
N LEU F 43 13.79 33.31 -14.49
CA LEU F 43 13.75 31.93 -15.03
C LEU F 43 12.58 31.81 -16.01
N ALA F 44 12.71 30.94 -17.00
CA ALA F 44 11.61 30.67 -17.95
C ALA F 44 11.79 29.26 -18.52
N ALA F 45 10.71 28.51 -18.69
CA ALA F 45 10.87 27.11 -19.17
C ALA F 45 9.59 26.53 -19.77
N ILE F 46 9.72 25.71 -20.81
CA ILE F 46 8.56 24.97 -21.39
C ILE F 46 8.89 23.49 -21.19
N ALA F 47 7.88 22.67 -20.90
CA ALA F 47 8.15 21.25 -20.59
C ALA F 47 6.97 20.35 -20.96
N ASN F 48 7.12 19.05 -20.73
CA ASN F 48 6.03 18.10 -20.98
C ASN F 48 5.09 18.16 -19.78
N ILE F 49 3.79 18.24 -20.02
CA ILE F 49 2.82 18.38 -18.91
C ILE F 49 2.73 17.04 -18.17
N GLN F 50 3.08 15.95 -18.83
CA GLN F 50 2.91 14.60 -18.20
C GLN F 50 4.12 14.22 -17.35
N ASP F 51 5.33 14.51 -17.80
CA ASP F 51 6.55 14.08 -17.08
C ASP F 51 7.22 15.27 -16.40
N GLY F 52 7.28 16.41 -17.07
CA GLY F 52 8.03 17.57 -16.60
C GLY F 52 9.36 17.71 -17.33
N SER F 53 9.65 16.77 -18.24
CA SER F 53 10.90 16.82 -19.00
C SER F 53 10.93 18.11 -19.80
N ILE F 54 12.10 18.76 -19.78
CA ILE F 54 12.25 20.14 -20.19
C ILE F 54 12.49 20.19 -21.70
N TRP F 55 11.72 21.05 -22.39
CA TRP F 55 11.80 21.21 -23.83
C TRP F 55 12.62 22.46 -24.20
N ALA F 56 12.55 23.50 -23.37
CA ALA F 56 13.40 24.68 -23.48
C ALA F 56 13.37 25.45 -22.15
N LYS F 57 14.35 26.32 -21.95
CA LYS F 57 14.47 27.03 -20.69
C LYS F 57 15.35 28.25 -20.87
N PHE F 58 15.26 29.18 -19.90
CA PHE F 58 16.23 30.25 -19.72
C PHE F 58 16.48 30.38 -18.22
N GLU F 59 17.76 30.51 -17.85
CA GLU F 59 18.16 30.77 -16.49
C GLU F 59 19.10 31.98 -16.48
N LYS F 60 18.83 32.94 -15.59
CA LYS F 60 19.66 34.12 -15.44
C LYS F 60 20.71 33.88 -14.36
N ASP F 61 21.93 34.39 -14.56
CA ASP F 61 22.99 34.40 -13.56
C ASP F 61 23.06 33.04 -12.87
N ASP F 62 22.92 33.01 -11.54
CA ASP F 62 22.99 31.77 -10.78
C ASP F 62 21.60 31.38 -10.32
N LYS F 63 20.75 31.00 -11.29
CA LYS F 63 19.45 30.39 -11.05
C LYS F 63 19.40 29.06 -11.80
N LYS F 64 18.74 28.04 -11.24
CA LYS F 64 18.79 26.70 -11.83
C LYS F 64 17.45 25.99 -11.63
N ILE F 65 16.92 25.41 -12.72
CA ILE F 65 15.62 24.74 -12.71
C ILE F 65 15.82 23.24 -12.68
N SER F 66 15.56 22.62 -11.51
CA SER F 66 15.66 21.18 -11.35
C SER F 66 14.55 20.51 -12.18
N PRO F 67 14.84 19.41 -12.91
CA PRO F 67 13.79 18.61 -13.54
C PRO F 67 12.79 18.04 -12.53
N LYS F 68 13.23 17.98 -11.26
CA LYS F 68 12.42 17.51 -10.13
C LYS F 68 11.40 18.57 -9.73
N GLU F 69 11.82 19.85 -9.74
CA GLU F 69 10.93 20.96 -9.50
C GLU F 69 9.73 20.89 -10.44
N LEU F 70 10.01 20.63 -11.74
CA LEU F 70 9.03 20.67 -12.81
C LEU F 70 8.19 19.39 -12.85
N LYS F 71 8.77 18.27 -12.45
CA LYS F 71 8.05 17.02 -12.34
C LYS F 71 6.90 17.20 -11.35
N THR F 72 7.22 17.78 -10.19
CA THR F 72 6.26 17.93 -9.10
C THR F 72 5.22 19.01 -9.47
N ILE F 73 5.72 20.15 -9.96
CA ILE F 73 4.83 21.18 -10.48
C ILE F 73 3.86 20.57 -11.48
N ALA F 74 4.34 19.79 -12.42
CA ALA F 74 3.45 19.31 -13.50
C ALA F 74 2.35 18.42 -12.93
N ASP F 75 2.69 17.56 -11.99
CA ASP F 75 1.69 16.58 -11.51
C ASP F 75 0.71 17.21 -10.53
N THR F 76 1.15 18.20 -9.78
CA THR F 76 0.27 18.88 -8.79
C THR F 76 -0.79 19.67 -9.55
N ILE F 77 -0.39 20.31 -10.66
CA ILE F 77 -1.34 21.13 -11.46
C ILE F 77 -2.38 20.22 -12.10
N ARG F 78 -1.99 19.01 -12.48
CA ARG F 78 -2.93 18.11 -13.17
C ARG F 78 -3.71 17.28 -12.17
N GLN F 79 -3.18 17.07 -10.99
CA GLN F 79 -3.82 16.13 -10.04
C GLN F 79 -4.47 16.82 -8.84
N ASN F 80 -3.76 17.71 -8.16
CA ASN F 80 -4.37 18.46 -7.04
C ASN F 80 -3.80 19.88 -7.06
N PRO F 81 -4.32 20.79 -7.89
CA PRO F 81 -3.83 22.17 -7.89
C PRO F 81 -4.00 22.90 -6.56
N ASN F 82 -4.96 22.47 -5.73
CA ASN F 82 -5.12 23.00 -4.38
C ASN F 82 -3.88 22.79 -3.51
N GLY F 83 -3.04 21.82 -3.86
CA GLY F 83 -1.85 21.53 -3.08
C GLY F 83 -0.91 22.74 -2.98
N PHE F 84 -0.83 23.54 -4.06
CA PHE F 84 0.11 24.65 -4.05
C PHE F 84 -0.23 25.67 -2.97
N LEU F 85 -1.53 25.72 -2.59
CA LEU F 85 -1.97 26.62 -1.53
C LEU F 85 -1.40 26.18 -0.17
N GLU F 86 -1.06 24.89 -0.05
CA GLU F 86 -0.49 24.36 1.18
C GLU F 86 1.04 24.42 1.12
N THR F 87 1.62 23.80 0.08
CA THR F 87 3.06 23.61 -0.03
C THR F 87 3.79 24.87 -0.52
N GLY F 88 3.08 25.78 -1.19
CA GLY F 88 3.73 26.81 -2.00
C GLY F 88 4.24 26.21 -3.30
N ILE F 89 5.10 26.95 -4.02
CA ILE F 89 5.59 26.55 -5.33
C ILE F 89 7.11 26.58 -5.35
N HIS F 90 7.74 25.50 -5.80
CA HIS F 90 9.20 25.40 -5.72
C HIS F 90 9.78 25.38 -7.13
N ILE F 91 10.53 26.44 -7.47
CA ILE F 91 11.17 26.57 -8.76
C ILE F 91 12.37 27.52 -8.70
N GLY F 92 13.39 27.16 -9.48
CA GLY F 92 14.64 27.91 -9.53
C GLY F 92 15.43 27.77 -8.23
N GLY F 93 15.06 26.78 -7.40
CA GLY F 93 15.68 26.57 -6.10
C GLY F 93 15.12 27.48 -5.01
N GLU F 94 13.93 28.03 -5.23
CA GLU F 94 13.35 28.95 -4.26
C GLU F 94 11.86 28.69 -4.14
N LYS F 95 11.29 29.15 -3.02
CA LYS F 95 9.89 28.98 -2.70
C LYS F 95 9.11 30.26 -3.02
N TYR F 96 7.99 30.09 -3.75
CA TYR F 96 7.05 31.16 -4.04
C TYR F 96 5.75 30.87 -3.31
N ILE F 97 5.15 31.90 -2.76
CA ILE F 97 3.84 31.80 -2.13
C ILE F 97 2.80 31.78 -3.24
N CYS F 98 1.86 30.82 -3.16
CA CYS F 98 0.80 30.70 -4.16
C CYS F 98 -0.30 31.71 -3.86
N ILE F 99 -0.79 32.41 -4.91
CA ILE F 99 -1.89 33.35 -4.71
C ILE F 99 -3.17 32.82 -5.36
N GLN F 100 -3.03 31.91 -6.33
CA GLN F 100 -4.21 31.27 -6.96
C GLN F 100 -3.75 30.04 -7.74
N ALA F 101 -4.60 29.02 -7.83
CA ALA F 101 -4.21 27.80 -8.55
C ALA F 101 -5.40 27.04 -9.15
N ASP F 102 -5.24 26.55 -10.38
CA ASP F 102 -6.27 25.70 -11.03
C ASP F 102 -5.54 24.75 -11.98
N ASN F 103 -6.25 23.84 -12.63
CA ASN F 103 -5.66 22.84 -13.56
C ASN F 103 -4.91 23.53 -14.69
N GLN F 104 -5.15 24.83 -14.90
CA GLN F 104 -4.54 25.52 -16.08
C GLN F 104 -3.76 26.75 -15.63
N LEU F 105 -3.95 27.21 -14.40
CA LEU F 105 -3.27 28.47 -14.00
C LEU F 105 -2.81 28.46 -12.54
N VAL F 106 -1.53 28.79 -12.31
CA VAL F 106 -1.02 28.93 -10.96
C VAL F 106 -0.17 30.20 -10.93
N ARG F 107 -0.50 31.15 -10.02
CA ARG F 107 0.33 32.33 -9.87
C ARG F 107 0.94 32.41 -8.46
N GLY F 108 2.09 33.09 -8.35
CA GLY F 108 2.88 33.04 -7.14
C GLY F 108 3.68 34.33 -6.93
N ARG F 109 4.09 34.55 -5.67
CA ARG F 109 4.92 35.69 -5.29
C ARG F 109 6.11 35.25 -4.44
N ARG F 110 7.24 35.96 -4.62
CA ARG F 110 8.39 35.84 -3.75
C ARG F 110 9.03 37.22 -3.66
N GLY F 111 8.71 37.94 -2.59
CA GLY F 111 9.07 39.35 -2.47
C GLY F 111 8.52 40.15 -3.66
N SER F 112 9.41 40.88 -4.34
CA SER F 112 9.08 41.72 -5.46
C SER F 112 9.04 40.92 -6.78
N SER F 113 9.13 39.59 -6.72
CA SER F 113 9.16 38.75 -7.91
C SER F 113 7.85 37.97 -8.06
N ALA F 114 7.36 37.88 -9.30
CA ALA F 114 6.12 37.22 -9.61
C ALA F 114 6.39 35.99 -10.43
N LEU F 115 5.51 34.98 -10.28
CA LEU F 115 5.61 33.71 -10.99
C LEU F 115 4.26 33.44 -11.64
N CYS F 116 4.27 32.93 -12.88
CA CYS F 116 3.05 32.52 -13.55
C CYS F 116 3.32 31.21 -14.28
N ILE F 117 2.46 30.24 -14.00
CA ILE F 117 2.59 28.88 -14.50
C ILE F 117 1.27 28.50 -15.13
N VAL F 118 1.33 27.96 -16.35
CA VAL F 118 0.15 27.61 -17.12
C VAL F 118 0.32 26.21 -17.68
N ALA F 119 -0.80 25.48 -17.77
CA ALA F 119 -0.82 24.13 -18.28
C ALA F 119 -1.76 24.08 -19.48
N THR F 120 -1.25 23.58 -20.61
CA THR F 120 -2.06 23.43 -21.82
C THR F 120 -2.46 21.96 -21.92
N ASN F 121 -2.87 21.53 -23.12
CA ASN F 121 -3.27 20.16 -23.32
C ASN F 121 -2.06 19.21 -23.35
N THR F 122 -0.84 19.73 -23.61
CA THR F 122 0.35 18.91 -23.68
C THR F 122 1.57 19.54 -23.01
N CYS F 123 1.52 20.83 -22.66
CA CYS F 123 2.69 21.63 -22.33
C CYS F 123 2.53 22.26 -20.94
N LEU F 124 3.64 22.56 -20.31
CA LEU F 124 3.67 23.35 -19.10
C LEU F 124 4.53 24.56 -19.42
N LEU F 125 4.00 25.77 -19.13
CA LEU F 125 4.78 26.99 -19.28
C LEU F 125 5.02 27.59 -17.91
N ALA F 126 6.17 28.25 -17.76
CA ALA F 126 6.49 28.89 -16.49
C ALA F 126 7.45 30.04 -16.75
N ALA F 127 7.27 31.14 -16.00
CA ALA F 127 8.32 32.15 -15.90
C ALA F 127 8.18 32.91 -14.58
N ALA F 128 9.29 33.51 -14.13
CA ALA F 128 9.30 34.36 -12.96
C ALA F 128 10.12 35.60 -13.29
N THR F 129 9.82 36.69 -12.59
CA THR F 129 10.25 38.02 -12.98
C THR F 129 11.37 38.53 -12.10
N VAL F 130 12.24 39.34 -12.71
CA VAL F 130 13.16 40.20 -12.01
C VAL F 130 12.38 41.05 -11.03
N ASP F 131 12.99 41.37 -9.88
CA ASP F 131 12.34 42.10 -8.81
C ASP F 131 11.72 43.40 -9.36
N GLY F 132 10.45 43.63 -9.06
CA GLY F 132 9.76 44.87 -9.39
C GLY F 132 9.10 44.88 -10.77
N TYR F 133 9.28 43.87 -11.59
CA TYR F 133 8.72 43.84 -12.96
C TYR F 133 7.20 43.62 -12.86
N PRO F 134 6.36 44.42 -13.58
CA PRO F 134 4.90 44.33 -13.42
C PRO F 134 4.38 42.90 -13.62
N ALA F 135 3.54 42.45 -12.69
CA ALA F 135 3.04 41.07 -12.67
C ALA F 135 1.95 40.86 -13.74
N GLY F 136 1.11 41.83 -14.00
CA GLY F 136 0.08 41.73 -15.03
C GLY F 136 0.66 41.48 -16.41
N GLN F 137 1.83 42.07 -16.70
CA GLN F 137 2.50 41.85 -18.00
C GLN F 137 2.90 40.39 -18.12
N LEU F 138 3.50 39.83 -17.07
CA LEU F 138 3.89 38.41 -17.10
C LEU F 138 2.64 37.55 -17.17
N ASN F 139 1.66 37.86 -16.35
CA ASN F 139 0.44 37.02 -16.30
C ASN F 139 -0.20 37.03 -17.70
N ASN F 140 -0.17 38.15 -18.39
CA ASN F 140 -0.85 38.24 -19.69
C ASN F 140 -0.04 37.50 -20.75
N VAL F 141 1.29 37.61 -20.70
CA VAL F 141 2.13 36.99 -21.76
C VAL F 141 2.04 35.48 -21.66
N ILE F 142 2.01 34.94 -20.45
CA ILE F 142 2.00 33.46 -20.32
C ILE F 142 0.58 32.98 -20.55
N GLU F 143 -0.41 33.66 -19.98
CA GLU F 143 -1.77 33.17 -20.13
C GLU F 143 -2.20 33.20 -21.60
N LYS F 144 -1.80 34.23 -22.36
CA LYS F 144 -2.16 34.37 -23.75
C LYS F 144 -1.41 33.39 -24.63
N LEU F 145 -0.17 33.10 -24.29
CA LEU F 145 0.57 32.09 -25.03
C LEU F 145 -0.06 30.73 -24.77
N GLY F 146 -0.39 30.47 -23.51
CA GLY F 146 -1.09 29.24 -23.18
C GLY F 146 -2.44 29.14 -23.91
N ASP F 147 -3.16 30.25 -24.05
CA ASP F 147 -4.46 30.24 -24.72
C ASP F 147 -4.31 29.95 -26.20
N TYR F 148 -3.27 30.52 -26.81
CA TYR F 148 -2.96 30.24 -28.21
C TYR F 148 -2.66 28.75 -28.40
N LEU F 149 -1.87 28.16 -27.53
CA LEU F 149 -1.45 26.77 -27.71
C LEU F 149 -2.65 25.88 -27.49
N ARG F 150 -3.37 26.10 -26.39
CA ARG F 150 -4.59 25.34 -26.10
C ARG F 150 -5.55 25.32 -27.29
N SER F 151 -5.68 26.47 -27.97
CA SER F 151 -6.60 26.61 -29.10
C SER F 151 -6.11 25.78 -30.30
N ASN F 152 -4.80 25.54 -30.35
CA ASN F 152 -4.18 24.66 -31.34
C ASN F 152 -4.05 23.20 -30.84
N ASN F 153 -4.61 22.89 -29.67
CA ASN F 153 -4.77 21.56 -29.13
C ASN F 153 -3.46 21.10 -28.52
N TYR F 154 -2.59 22.07 -28.21
CA TYR F 154 -1.28 21.88 -27.61
C TYR F 154 -1.32 22.25 -26.13
N SER G 24 8.74 -28.58 -2.43
CA SER G 24 8.37 -29.04 -1.06
C SER G 24 6.90 -28.74 -0.79
N GLY G 25 6.38 -27.64 -1.35
CA GLY G 25 4.98 -27.30 -1.24
C GLY G 25 4.60 -26.14 -2.15
N SER G 26 3.42 -26.22 -2.77
CA SER G 26 3.04 -25.32 -3.84
C SER G 26 1.79 -24.56 -3.45
N TRP G 27 1.49 -23.50 -4.18
CA TRP G 27 0.25 -22.76 -4.03
C TRP G 27 -0.94 -23.58 -4.52
N GLN G 28 -0.69 -24.53 -5.42
CA GLN G 28 -1.75 -25.39 -5.94
C GLN G 28 -2.21 -26.34 -4.82
N SER G 29 -1.27 -26.72 -3.94
CA SER G 29 -1.61 -27.62 -2.80
C SER G 29 -2.58 -26.90 -1.85
N TYR G 30 -2.33 -25.63 -1.60
CA TYR G 30 -3.21 -24.85 -0.70
C TYR G 30 -4.60 -24.80 -1.26
N VAL G 31 -4.70 -24.55 -2.56
CA VAL G 31 -6.03 -24.47 -3.22
C VAL G 31 -6.63 -25.87 -3.22
N ASP G 32 -5.81 -26.85 -3.57
CA ASP G 32 -6.34 -28.23 -3.67
C ASP G 32 -6.69 -28.74 -2.28
N ASN G 33 -5.88 -28.43 -1.28
CA ASN G 33 -6.12 -29.06 0.06
C ASN G 33 -6.74 -28.10 1.07
N GLN G 34 -6.07 -26.99 1.37
CA GLN G 34 -6.55 -26.07 2.44
C GLN G 34 -7.91 -25.46 2.09
N ILE G 35 -8.26 -25.42 0.80
CA ILE G 35 -9.51 -24.73 0.42
C ILE G 35 -10.55 -25.71 -0.14
N CYS G 36 -10.26 -26.36 -1.26
CA CYS G 36 -11.28 -27.19 -1.94
C CYS G 36 -11.64 -28.45 -1.14
N GLN G 37 -10.75 -28.93 -0.27
CA GLN G 37 -11.04 -30.13 0.56
C GLN G 37 -11.86 -29.75 1.79
N HIS G 38 -12.03 -28.45 2.05
CA HIS G 38 -12.72 -28.07 3.30
C HIS G 38 -13.94 -27.21 2.95
N VAL G 39 -14.02 -26.77 1.71
CA VAL G 39 -15.22 -26.01 1.26
C VAL G 39 -15.62 -26.53 -0.13
N ASP G 40 -16.91 -26.79 -0.33
CA ASP G 40 -17.37 -27.20 -1.68
C ASP G 40 -17.40 -25.94 -2.54
N CYS G 41 -16.51 -25.84 -3.51
CA CYS G 41 -16.38 -24.56 -4.24
C CYS G 41 -16.73 -24.63 -5.73
N THR G 42 -17.24 -23.54 -6.29
CA THR G 42 -17.47 -23.45 -7.74
C THR G 42 -16.21 -22.79 -8.28
N LEU G 43 -15.55 -21.99 -7.45
CA LEU G 43 -14.38 -21.21 -7.88
C LEU G 43 -13.41 -21.09 -6.72
N ALA G 44 -12.10 -21.13 -6.97
CA ALA G 44 -11.09 -20.95 -5.91
C ALA G 44 -9.82 -20.36 -6.50
N ALA G 45 -9.18 -19.42 -5.81
CA ALA G 45 -8.00 -18.79 -6.46
C ALA G 45 -7.02 -18.10 -5.51
N ILE G 46 -5.73 -18.21 -5.79
CA ILE G 46 -4.69 -17.46 -5.10
C ILE G 46 -3.90 -16.72 -6.17
N ALA G 47 -3.61 -15.43 -5.92
CA ALA G 47 -2.99 -14.54 -6.88
C ALA G 47 -2.04 -13.60 -6.18
N ASN G 48 -1.31 -12.82 -6.99
CA ASN G 48 -0.43 -11.77 -6.50
C ASN G 48 -1.30 -10.54 -6.24
N ILE G 49 -1.17 -9.97 -5.05
CA ILE G 49 -2.07 -8.89 -4.65
C ILE G 49 -1.77 -7.65 -5.48
N GLN G 50 -0.57 -7.58 -6.06
CA GLN G 50 -0.19 -6.35 -6.79
C GLN G 50 -0.60 -6.46 -8.25
N ASP G 51 -0.26 -7.57 -8.92
CA ASP G 51 -0.55 -7.73 -10.37
C ASP G 51 -1.90 -8.40 -10.60
N GLY G 52 -2.27 -9.36 -9.75
CA GLY G 52 -3.52 -10.12 -9.99
C GLY G 52 -3.16 -11.39 -10.73
N SER G 53 -1.88 -11.54 -11.06
CA SER G 53 -1.41 -12.70 -11.80
C SER G 53 -1.64 -13.93 -10.93
N ILE G 54 -2.13 -15.00 -11.55
CA ILE G 54 -2.70 -16.12 -10.84
C ILE G 54 -1.61 -17.11 -10.50
N TRP G 55 -1.57 -17.55 -9.22
CA TRP G 55 -0.58 -18.48 -8.72
C TRP G 55 -1.13 -19.91 -8.66
N ALA G 56 -2.44 -20.04 -8.38
CA ALA G 56 -3.15 -21.31 -8.47
C ALA G 56 -4.65 -21.05 -8.52
N LYS G 57 -5.42 -22.05 -8.96
CA LYS G 57 -6.84 -21.86 -9.16
C LYS G 57 -7.53 -23.22 -9.21
N PHE G 58 -8.86 -23.19 -9.01
CA PHE G 58 -9.74 -24.28 -9.35
C PHE G 58 -10.99 -23.68 -9.99
N GLU G 59 -11.45 -24.29 -11.09
CA GLU G 59 -12.70 -23.91 -11.74
C GLU G 59 -13.55 -25.16 -11.94
N LYS G 60 -14.82 -25.08 -11.53
CA LYS G 60 -15.77 -26.17 -11.69
C LYS G 60 -16.54 -25.97 -12.99
N ASP G 61 -16.87 -27.09 -13.66
CA ASP G 61 -17.76 -27.11 -14.82
C ASP G 61 -17.42 -25.98 -15.77
N ASP G 62 -18.40 -25.10 -16.07
CA ASP G 62 -18.20 -24.02 -17.01
C ASP G 62 -18.14 -22.70 -16.23
N LYS G 63 -17.10 -22.57 -15.41
CA LYS G 63 -16.73 -21.32 -14.76
C LYS G 63 -15.29 -21.01 -15.12
N LYS G 64 -15.00 -19.73 -15.37
CA LYS G 64 -13.68 -19.31 -15.80
C LYS G 64 -13.32 -17.98 -15.14
N ILE G 65 -12.10 -17.92 -14.59
CA ILE G 65 -11.61 -16.76 -13.87
C ILE G 65 -10.67 -15.96 -14.78
N SER G 66 -11.17 -14.80 -15.26
CA SER G 66 -10.39 -13.91 -16.08
C SER G 66 -9.25 -13.31 -15.24
N PRO G 67 -8.01 -13.22 -15.77
CA PRO G 67 -6.95 -12.47 -15.08
C PRO G 67 -7.29 -10.99 -14.89
N LYS G 68 -8.25 -10.52 -15.69
CA LYS G 68 -8.77 -9.15 -15.62
C LYS G 68 -9.70 -8.98 -14.41
N GLU G 69 -10.53 -9.99 -14.15
CA GLU G 69 -11.36 -10.04 -12.97
C GLU G 69 -10.51 -9.82 -11.72
N LEU G 70 -9.37 -10.53 -11.65
CA LEU G 70 -8.52 -10.58 -10.48
C LEU G 70 -7.63 -9.36 -10.38
N LYS G 71 -7.24 -8.80 -11.53
CA LYS G 71 -6.47 -7.56 -11.55
C LYS G 71 -7.29 -6.47 -10.86
N THR G 72 -8.58 -6.37 -11.22
CA THR G 72 -9.45 -5.31 -10.73
C THR G 72 -9.78 -5.58 -9.25
N ILE G 73 -10.16 -6.82 -8.94
CA ILE G 73 -10.40 -7.21 -7.56
C ILE G 73 -9.18 -6.85 -6.71
N ALA G 74 -7.98 -7.18 -7.18
CA ALA G 74 -6.79 -6.98 -6.36
C ALA G 74 -6.60 -5.49 -6.12
N ASP G 75 -6.75 -4.69 -7.18
CA ASP G 75 -6.51 -3.22 -7.05
C ASP G 75 -7.63 -2.58 -6.23
N THR G 76 -8.84 -3.14 -6.25
CA THR G 76 -9.95 -2.48 -5.52
C THR G 76 -9.76 -2.69 -4.02
N ILE G 77 -9.50 -3.91 -3.58
CA ILE G 77 -9.41 -4.23 -2.12
C ILE G 77 -8.30 -3.39 -1.49
N ARG G 78 -7.27 -3.10 -2.26
CA ARG G 78 -6.13 -2.35 -1.71
C ARG G 78 -6.34 -0.85 -1.84
N GLN G 79 -6.92 -0.38 -2.94
CA GLN G 79 -6.99 1.10 -3.16
C GLN G 79 -8.37 1.68 -2.91
N ASN G 80 -9.44 0.91 -3.05
CA ASN G 80 -10.78 1.44 -2.70
C ASN G 80 -11.74 0.29 -2.44
N PRO G 81 -11.68 -0.35 -1.27
CA PRO G 81 -12.56 -1.47 -0.95
C PRO G 81 -14.04 -1.07 -0.94
N ASN G 82 -14.34 0.17 -0.59
CA ASN G 82 -15.71 0.67 -0.62
C ASN G 82 -16.33 0.60 -2.01
N GLY G 83 -15.50 0.53 -3.05
CA GLY G 83 -15.99 0.43 -4.41
C GLY G 83 -16.90 -0.78 -4.63
N PHE G 84 -16.60 -1.89 -3.98
CA PHE G 84 -17.36 -3.11 -4.20
C PHE G 84 -18.81 -2.93 -3.78
N LEU G 85 -19.07 -2.00 -2.84
CA LEU G 85 -20.43 -1.73 -2.40
C LEU G 85 -21.23 -1.06 -3.52
N GLU G 86 -20.52 -0.38 -4.44
CA GLU G 86 -21.14 0.32 -5.55
C GLU G 86 -21.24 -0.63 -6.76
N THR G 87 -20.10 -1.16 -7.18
CA THR G 87 -19.98 -1.94 -8.41
C THR G 87 -20.45 -3.38 -8.24
N GLY G 88 -20.45 -3.90 -7.00
CA GLY G 88 -20.51 -5.34 -6.78
C GLY G 88 -19.15 -5.97 -7.07
N ILE G 89 -19.12 -7.32 -7.12
CA ILE G 89 -17.87 -8.06 -7.26
C ILE G 89 -17.96 -9.00 -8.47
N HIS G 90 -16.97 -8.94 -9.37
CA HIS G 90 -17.06 -9.64 -10.64
C HIS G 90 -15.99 -10.72 -10.70
N ILE G 91 -16.44 -11.99 -10.69
CA ILE G 91 -15.55 -13.15 -10.72
C ILE G 91 -16.26 -14.39 -11.25
N GLY G 92 -15.50 -15.18 -12.00
CA GLY G 92 -16.01 -16.39 -12.65
C GLY G 92 -16.97 -16.05 -13.79
N GLY G 93 -16.96 -14.78 -14.22
CA GLY G 93 -17.86 -14.27 -15.25
C GLY G 93 -19.24 -13.89 -14.71
N GLU G 94 -19.35 -13.71 -13.40
CA GLU G 94 -20.64 -13.43 -12.79
C GLU G 94 -20.49 -12.36 -11.72
N LYS G 95 -21.61 -11.69 -11.42
CA LYS G 95 -21.65 -10.60 -10.47
C LYS G 95 -22.20 -11.09 -9.12
N TYR G 96 -21.48 -10.73 -8.06
CA TYR G 96 -21.91 -11.01 -6.68
C TYR G 96 -22.22 -9.67 -6.01
N ILE G 97 -23.27 -9.67 -5.20
CA ILE G 97 -23.61 -8.52 -4.39
C ILE G 97 -22.65 -8.49 -3.19
N CYS G 98 -22.05 -7.34 -2.91
CA CYS G 98 -21.14 -7.19 -1.78
C CYS G 98 -21.93 -7.02 -0.50
N ILE G 99 -21.55 -7.74 0.57
CA ILE G 99 -22.22 -7.58 1.85
C ILE G 99 -21.31 -6.88 2.87
N GLN G 100 -20.01 -6.94 2.59
CA GLN G 100 -19.03 -6.21 3.45
C GLN G 100 -17.71 -6.16 2.68
N ALA G 101 -16.87 -5.17 2.98
CA ALA G 101 -15.57 -5.04 2.29
C ALA G 101 -14.57 -4.21 3.09
N ASP G 102 -13.30 -4.62 3.09
CA ASP G 102 -12.22 -3.82 3.74
C ASP G 102 -10.90 -4.18 3.05
N ASN G 103 -9.79 -3.67 3.56
CA ASN G 103 -8.45 -3.89 2.97
C ASN G 103 -8.05 -5.36 3.08
N GLN G 104 -8.79 -6.15 3.86
CA GLN G 104 -8.38 -7.55 4.10
C GLN G 104 -9.52 -8.55 3.86
N LEU G 105 -10.77 -8.12 4.02
CA LEU G 105 -11.91 -9.05 3.87
C LEU G 105 -13.01 -8.45 3.00
N VAL G 106 -13.47 -9.21 2.01
CA VAL G 106 -14.65 -8.79 1.19
C VAL G 106 -15.55 -10.01 1.10
N ARG G 107 -16.82 -9.86 1.44
CA ARG G 107 -17.79 -10.98 1.34
C ARG G 107 -18.86 -10.63 0.30
N GLY G 108 -19.47 -11.63 -0.31
CA GLY G 108 -20.43 -11.42 -1.39
C GLY G 108 -21.46 -12.53 -1.45
N ARG G 109 -22.64 -12.23 -2.05
CA ARG G 109 -23.68 -13.21 -2.34
C ARG G 109 -24.11 -13.16 -3.81
N ARG G 110 -24.46 -14.34 -4.34
CA ARG G 110 -25.12 -14.48 -5.61
C ARG G 110 -26.11 -15.64 -5.50
N GLY G 111 -27.39 -15.30 -5.26
CA GLY G 111 -28.37 -16.29 -4.87
C GLY G 111 -27.91 -17.07 -3.63
N SER G 112 -27.93 -18.40 -3.72
CA SER G 112 -27.58 -19.28 -2.62
C SER G 112 -26.06 -19.50 -2.54
N SER G 113 -25.27 -18.76 -3.36
CA SER G 113 -23.83 -18.93 -3.40
C SER G 113 -23.14 -17.77 -2.69
N ALA G 114 -22.10 -18.10 -1.93
CA ALA G 114 -21.36 -17.14 -1.14
C ALA G 114 -19.96 -17.00 -1.72
N LEU G 115 -19.38 -15.81 -1.53
CA LEU G 115 -18.04 -15.47 -1.99
C LEU G 115 -17.28 -14.89 -0.79
N CYS G 116 -16.01 -15.28 -0.65
CA CYS G 116 -15.16 -14.71 0.38
C CYS G 116 -13.79 -14.47 -0.22
N ILE G 117 -13.32 -13.22 -0.08
CA ILE G 117 -12.09 -12.74 -0.67
C ILE G 117 -11.28 -12.10 0.45
N VAL G 118 -9.99 -12.46 0.52
CA VAL G 118 -9.11 -11.97 1.58
C VAL G 118 -7.81 -11.52 0.92
N ALA G 119 -7.21 -10.49 1.51
CA ALA G 119 -5.94 -9.93 1.03
C ALA G 119 -4.92 -10.00 2.18
N THR G 120 -3.75 -10.57 1.90
CA THR G 120 -2.70 -10.69 2.88
C THR G 120 -1.67 -9.60 2.61
N ASN G 121 -0.42 -9.78 3.08
CA ASN G 121 0.60 -8.78 2.80
C ASN G 121 1.08 -8.86 1.34
N THR G 122 0.89 -10.01 0.66
CA THR G 122 1.42 -10.22 -0.68
C THR G 122 0.46 -10.99 -1.59
N CYS G 123 -0.58 -11.62 -1.03
CA CYS G 123 -1.42 -12.61 -1.69
C CYS G 123 -2.88 -12.16 -1.71
N LEU G 124 -3.64 -12.64 -2.69
CA LEU G 124 -5.07 -12.50 -2.71
C LEU G 124 -5.67 -13.90 -2.70
N LEU G 125 -6.63 -14.17 -1.82
CA LEU G 125 -7.35 -15.44 -1.80
C LEU G 125 -8.80 -15.20 -2.15
N ALA G 126 -9.41 -16.16 -2.83
CA ALA G 126 -10.80 -16.01 -3.24
C ALA G 126 -11.41 -17.38 -3.43
N ALA G 127 -12.68 -17.52 -3.02
CA ALA G 127 -13.43 -18.72 -3.30
C ALA G 127 -14.92 -18.42 -3.24
N ALA G 128 -15.71 -19.15 -4.07
CA ALA G 128 -17.15 -19.06 -4.02
C ALA G 128 -17.73 -20.47 -3.94
N THR G 129 -18.95 -20.57 -3.41
CA THR G 129 -19.50 -21.84 -2.98
C THR G 129 -20.57 -22.33 -3.94
N VAL G 130 -20.67 -23.65 -4.05
CA VAL G 130 -21.83 -24.32 -4.61
C VAL G 130 -23.09 -23.83 -3.89
N ASP G 131 -24.22 -23.74 -4.60
CA ASP G 131 -25.45 -23.20 -4.04
C ASP G 131 -25.81 -23.95 -2.76
N GLY G 132 -26.09 -23.21 -1.68
CA GLY G 132 -26.58 -23.79 -0.44
C GLY G 132 -25.49 -24.30 0.52
N TYR G 133 -24.21 -24.17 0.16
CA TYR G 133 -23.13 -24.58 1.07
C TYR G 133 -23.02 -23.54 2.19
N PRO G 134 -22.90 -23.93 3.47
CA PRO G 134 -22.84 -22.95 4.57
C PRO G 134 -21.78 -21.87 4.37
N ALA G 135 -22.17 -20.60 4.55
CA ALA G 135 -21.30 -19.46 4.27
C ALA G 135 -20.26 -19.26 5.38
N GLY G 136 -20.65 -19.53 6.64
CA GLY G 136 -19.72 -19.41 7.74
C GLY G 136 -18.48 -20.32 7.57
N GLN G 137 -18.70 -21.54 7.10
CA GLN G 137 -17.60 -22.50 6.90
C GLN G 137 -16.62 -21.93 5.86
N LEU G 138 -17.14 -21.36 4.78
CA LEU G 138 -16.27 -20.79 3.72
C LEU G 138 -15.54 -19.59 4.29
N ASN G 139 -16.25 -18.75 5.03
CA ASN G 139 -15.65 -17.52 5.59
C ASN G 139 -14.55 -17.92 6.57
N ASN G 140 -14.80 -18.93 7.40
CA ASN G 140 -13.81 -19.34 8.37
C ASN G 140 -12.55 -19.87 7.69
N VAL G 141 -12.73 -20.63 6.62
CA VAL G 141 -11.61 -21.28 5.95
C VAL G 141 -10.74 -20.24 5.27
N ILE G 142 -11.36 -19.28 4.59
CA ILE G 142 -10.61 -18.28 3.85
C ILE G 142 -9.97 -17.30 4.84
N GLU G 143 -10.71 -16.85 5.86
CA GLU G 143 -10.18 -15.87 6.79
C GLU G 143 -9.04 -16.44 7.62
N LYS G 144 -9.13 -17.70 8.02
CA LYS G 144 -8.10 -18.34 8.83
C LYS G 144 -6.85 -18.66 8.01
N LEU G 145 -7.02 -18.99 6.74
CA LEU G 145 -5.87 -19.19 5.88
C LEU G 145 -5.16 -17.86 5.69
N GLY G 146 -5.95 -16.81 5.45
CA GLY G 146 -5.39 -15.47 5.34
C GLY G 146 -4.66 -15.06 6.60
N ASP G 147 -5.20 -15.41 7.77
CA ASP G 147 -4.60 -15.03 9.06
C ASP G 147 -3.27 -15.76 9.24
N TYR G 148 -3.23 -17.03 8.83
CA TYR G 148 -2.00 -17.82 8.89
C TYR G 148 -0.91 -17.18 8.03
N LEU G 149 -1.27 -16.77 6.81
CA LEU G 149 -0.28 -16.25 5.90
C LEU G 149 0.19 -14.90 6.40
N ARG G 150 -0.75 -14.03 6.74
CA ARG G 150 -0.43 -12.71 7.26
C ARG G 150 0.55 -12.79 8.42
N SER G 151 0.38 -13.80 9.29
CA SER G 151 1.21 -13.96 10.47
C SER G 151 2.63 -14.39 10.08
N ASN G 152 2.75 -15.00 8.90
CA ASN G 152 4.04 -15.37 8.33
C ASN G 152 4.58 -14.29 7.38
N ASN G 153 3.90 -13.13 7.31
CA ASN G 153 4.36 -11.95 6.58
C ASN G 153 4.13 -12.16 5.09
N TYR G 154 3.31 -13.17 4.80
CA TYR G 154 2.83 -13.49 3.46
C TYR G 154 1.48 -12.83 3.17
N GLY H 25 10.31 13.51 -43.25
CA GLY H 25 9.73 12.15 -43.23
C GLY H 25 8.71 12.03 -42.10
N SER H 26 7.68 11.21 -42.33
CA SER H 26 6.61 11.01 -41.36
C SER H 26 6.60 9.56 -40.90
N TRP H 27 5.89 9.31 -39.80
CA TRP H 27 5.65 7.97 -39.30
C TRP H 27 4.74 7.19 -40.25
N GLN H 28 3.91 7.89 -41.01
CA GLN H 28 3.01 7.24 -41.96
C GLN H 28 3.84 6.66 -43.11
N SER H 29 4.93 7.33 -43.43
CA SER H 29 5.80 6.88 -44.53
C SER H 29 6.43 5.55 -44.17
N TYR H 30 6.78 5.36 -42.90
CA TYR H 30 7.44 4.12 -42.45
C TYR H 30 6.48 2.95 -42.61
N VAL H 31 5.26 3.11 -42.11
CA VAL H 31 4.23 2.05 -42.21
C VAL H 31 3.96 1.78 -43.68
N ASP H 32 3.93 2.84 -44.48
CA ASP H 32 3.56 2.68 -45.91
C ASP H 32 4.73 2.10 -46.69
N ASN H 33 5.95 2.49 -46.37
CA ASN H 33 7.09 2.05 -47.21
C ASN H 33 7.96 1.01 -46.50
N GLN H 34 8.44 1.31 -45.29
CA GLN H 34 9.40 0.40 -44.61
C GLN H 34 8.67 -0.87 -44.13
N ILE H 35 7.35 -0.82 -44.01
CA ILE H 35 6.64 -2.01 -43.44
C ILE H 35 5.67 -2.61 -44.45
N CYS H 36 4.78 -1.81 -45.03
CA CYS H 36 3.74 -2.40 -45.83
C CYS H 36 4.22 -2.76 -47.25
N GLN H 37 5.32 -2.15 -47.70
CA GLN H 37 5.90 -2.52 -48.99
C GLN H 37 6.81 -3.73 -48.89
N HIS H 38 7.18 -4.14 -47.68
CA HIS H 38 8.12 -5.24 -47.51
C HIS H 38 7.46 -6.42 -46.83
N VAL H 39 6.26 -6.19 -46.32
CA VAL H 39 5.47 -7.26 -45.73
C VAL H 39 4.03 -7.09 -46.24
N ASP H 40 3.35 -8.22 -46.43
CA ASP H 40 1.96 -8.21 -46.86
C ASP H 40 1.09 -8.26 -45.61
N CYS H 41 0.51 -7.12 -45.23
CA CYS H 41 -0.03 -6.93 -43.88
C CYS H 41 -1.55 -6.92 -43.88
N THR H 42 -2.14 -7.48 -42.82
CA THR H 42 -3.52 -7.24 -42.49
C THR H 42 -3.59 -5.98 -41.63
N LEU H 43 -2.54 -5.79 -40.83
CA LEU H 43 -2.51 -4.64 -39.89
C LEU H 43 -1.08 -4.19 -39.61
N ALA H 44 -0.90 -2.89 -39.39
CA ALA H 44 0.40 -2.32 -39.03
C ALA H 44 0.20 -1.05 -38.21
N ALA H 45 1.00 -0.87 -37.17
CA ALA H 45 0.89 0.32 -36.33
C ALA H 45 2.22 0.72 -35.73
N ILE H 46 2.39 2.04 -35.62
CA ILE H 46 3.41 2.67 -34.80
C ILE H 46 2.68 3.57 -33.79
N ALA H 47 3.09 3.51 -32.52
CA ALA H 47 2.40 4.19 -31.42
C ALA H 47 3.42 4.70 -30.42
N ASN H 48 2.93 5.47 -29.45
CA ASN H 48 3.73 5.97 -28.34
C ASN H 48 3.81 4.85 -27.32
N ILE H 49 5.04 4.53 -26.88
CA ILE H 49 5.22 3.37 -26.03
C ILE H 49 4.62 3.67 -24.66
N GLN H 50 4.46 4.94 -24.34
CA GLN H 50 4.03 5.29 -22.97
C GLN H 50 2.50 5.39 -22.90
N ASP H 51 1.86 5.98 -23.90
CA ASP H 51 0.40 6.20 -23.81
C ASP H 51 -0.36 5.11 -24.57
N GLY H 52 0.06 4.82 -25.80
CA GLY H 52 -0.69 3.87 -26.64
C GLY H 52 -1.31 4.67 -27.77
N SER H 53 -1.05 5.98 -27.77
CA SER H 53 -1.66 6.84 -28.77
C SER H 53 -0.96 6.60 -30.11
N ILE H 54 -1.79 6.53 -31.15
CA ILE H 54 -1.35 5.97 -32.43
C ILE H 54 -0.74 7.08 -33.28
N TRP H 55 0.45 6.81 -33.84
CA TRP H 55 1.20 7.77 -34.65
C TRP H 55 1.00 7.52 -36.15
N ALA H 56 0.82 6.25 -36.52
CA ALA H 56 0.46 5.86 -37.88
C ALA H 56 -0.05 4.42 -37.86
N LYS H 57 -0.81 4.06 -38.89
CA LYS H 57 -1.38 2.73 -38.93
C LYS H 57 -1.74 2.38 -40.36
N PHE H 58 -1.96 1.07 -40.57
CA PHE H 58 -2.65 0.57 -41.74
C PHE H 58 -3.59 -0.53 -41.28
N GLU H 59 -4.81 -0.50 -41.78
CA GLU H 59 -5.83 -1.52 -41.55
C GLU H 59 -6.38 -1.97 -42.90
N LYS H 60 -6.40 -3.30 -43.12
CA LYS H 60 -6.91 -3.87 -44.35
C LYS H 60 -8.40 -4.18 -44.17
N ASP H 61 -9.15 -3.96 -45.27
CA ASP H 61 -10.57 -4.23 -45.35
C ASP H 61 -11.25 -3.73 -44.07
N ASP H 62 -11.99 -4.62 -43.41
CA ASP H 62 -12.69 -4.30 -42.17
C ASP H 62 -11.97 -4.98 -41.02
N LYS H 63 -10.78 -4.47 -40.72
CA LYS H 63 -10.05 -4.74 -39.50
C LYS H 63 -9.77 -3.41 -38.80
N LYS H 64 -9.80 -3.37 -37.46
CA LYS H 64 -9.72 -2.10 -36.75
C LYS H 64 -8.89 -2.23 -35.48
N ILE H 65 -7.97 -1.30 -35.28
CA ILE H 65 -7.07 -1.28 -34.13
C ILE H 65 -7.58 -0.29 -33.08
N SER H 66 -8.13 -0.83 -31.99
CA SER H 66 -8.62 -0.02 -30.88
C SER H 66 -7.43 0.69 -30.21
N PRO H 67 -7.56 1.99 -29.84
CA PRO H 67 -6.55 2.66 -29.01
C PRO H 67 -6.34 1.98 -27.66
N LYS H 68 -7.37 1.21 -27.24
CA LYS H 68 -7.35 0.45 -26.00
C LYS H 68 -6.49 -0.80 -26.13
N GLU H 69 -6.57 -1.46 -27.29
CA GLU H 69 -5.72 -2.58 -27.61
C GLU H 69 -4.26 -2.19 -27.41
N LEU H 70 -3.88 -1.01 -27.93
CA LEU H 70 -2.51 -0.55 -27.99
C LEU H 70 -2.04 0.02 -26.66
N LYS H 71 -2.99 0.51 -25.89
CA LYS H 71 -2.61 1.00 -24.54
C LYS H 71 -2.18 -0.23 -23.74
N THR H 72 -2.96 -1.30 -23.85
CA THR H 72 -2.67 -2.52 -23.08
C THR H 72 -1.35 -3.12 -23.57
N ILE H 73 -1.17 -3.22 -24.88
CA ILE H 73 0.05 -3.86 -25.42
C ILE H 73 1.26 -3.05 -24.98
N ALA H 74 1.18 -1.74 -25.10
CA ALA H 74 2.36 -0.91 -24.76
C ALA H 74 2.70 -1.11 -23.29
N ASP H 75 1.68 -1.11 -22.45
CA ASP H 75 1.94 -1.23 -21.00
C ASP H 75 2.43 -2.64 -20.68
N THR H 76 1.85 -3.67 -21.29
CA THR H 76 2.24 -5.05 -20.92
C THR H 76 3.70 -5.25 -21.31
N ILE H 77 4.10 -4.79 -22.48
CA ILE H 77 5.49 -5.07 -22.96
C ILE H 77 6.50 -4.38 -22.04
N ARG H 78 6.13 -3.25 -21.43
CA ARG H 78 7.12 -2.51 -20.60
C ARG H 78 7.02 -2.96 -19.15
N GLN H 79 5.81 -3.28 -18.69
CA GLN H 79 5.63 -3.62 -17.25
C GLN H 79 5.76 -5.14 -17.04
N ASN H 80 5.06 -5.96 -17.84
CA ASN H 80 5.10 -7.43 -17.60
C ASN H 80 4.96 -8.18 -18.92
N PRO H 81 6.04 -8.27 -19.74
CA PRO H 81 5.97 -8.98 -21.01
C PRO H 81 5.48 -10.42 -20.83
N ASN H 82 5.82 -11.04 -19.71
CA ASN H 82 5.41 -12.40 -19.44
C ASN H 82 3.89 -12.55 -19.47
N GLY H 83 3.16 -11.45 -19.28
CA GLY H 83 1.71 -11.48 -19.25
C GLY H 83 1.13 -12.01 -20.56
N PHE H 84 1.76 -11.70 -21.70
CA PHE H 84 1.21 -12.11 -22.99
C PHE H 84 1.16 -13.63 -23.09
N LEU H 85 2.03 -14.33 -22.33
CA LEU H 85 2.03 -15.79 -22.35
C LEU H 85 0.77 -16.33 -21.67
N GLU H 86 0.18 -15.52 -20.78
CA GLU H 86 -1.03 -15.90 -20.06
C GLU H 86 -2.26 -15.44 -20.85
N THR H 87 -2.34 -14.14 -21.13
CA THR H 87 -3.53 -13.52 -21.71
C THR H 87 -3.62 -13.73 -23.22
N GLY H 88 -2.49 -14.00 -23.89
CA GLY H 88 -2.40 -13.85 -25.32
C GLY H 88 -2.28 -12.38 -25.69
N ILE H 89 -2.44 -12.08 -27.00
CA ILE H 89 -2.25 -10.73 -27.52
C ILE H 89 -3.52 -10.30 -28.24
N HIS H 90 -4.03 -9.10 -27.91
CA HIS H 90 -5.30 -8.65 -28.46
C HIS H 90 -5.06 -7.44 -29.36
N ILE H 91 -5.29 -7.63 -30.67
CA ILE H 91 -5.12 -6.58 -31.66
C ILE H 91 -5.94 -6.85 -32.91
N GLY H 92 -6.47 -5.75 -33.49
CA GLY H 92 -7.33 -5.80 -34.66
C GLY H 92 -8.68 -6.42 -34.33
N GLY H 93 -9.01 -6.49 -33.03
CA GLY H 93 -10.24 -7.09 -32.56
C GLY H 93 -10.17 -8.60 -32.43
N GLU H 94 -8.95 -9.17 -32.42
CA GLU H 94 -8.79 -10.61 -32.43
C GLU H 94 -7.65 -11.01 -31.51
N LYS H 95 -7.68 -12.29 -31.09
CA LYS H 95 -6.71 -12.82 -30.15
C LYS H 95 -5.65 -13.65 -30.89
N TYR H 96 -4.38 -13.36 -30.58
CA TYR H 96 -3.23 -14.08 -31.11
C TYR H 96 -2.57 -14.82 -29.96
N ILE H 97 -2.09 -16.04 -30.24
CA ILE H 97 -1.34 -16.81 -29.27
C ILE H 97 0.10 -16.27 -29.24
N CYS H 98 0.63 -16.03 -28.05
CA CYS H 98 2.02 -15.56 -27.90
C CYS H 98 3.00 -16.71 -28.06
N ILE H 99 4.06 -16.52 -28.83
CA ILE H 99 5.08 -17.53 -29.10
C ILE H 99 6.38 -17.19 -28.36
N GLN H 100 6.62 -15.90 -28.09
CA GLN H 100 7.68 -15.48 -27.20
C GLN H 100 7.42 -14.02 -26.81
N ALA H 101 8.04 -13.57 -25.71
CA ALA H 101 7.81 -12.24 -25.20
C ALA H 101 9.02 -11.76 -24.42
N ASP H 102 9.42 -10.52 -24.68
CA ASP H 102 10.27 -9.80 -23.76
C ASP H 102 9.98 -8.32 -23.97
N ASN H 103 10.69 -7.50 -23.19
CA ASN H 103 10.59 -6.05 -23.17
C ASN H 103 10.75 -5.38 -24.53
N GLN H 104 11.30 -6.11 -25.50
CA GLN H 104 11.71 -5.52 -26.77
C GLN H 104 11.03 -6.22 -27.94
N LEU H 105 10.55 -7.46 -27.72
CA LEU H 105 10.08 -8.29 -28.81
C LEU H 105 9.00 -9.24 -28.30
N VAL H 106 7.85 -9.22 -28.98
CA VAL H 106 6.77 -10.15 -28.76
C VAL H 106 6.36 -10.69 -30.13
N ARG H 107 6.32 -12.03 -30.28
CA ARG H 107 5.78 -12.64 -31.50
C ARG H 107 4.53 -13.46 -31.18
N GLY H 108 3.66 -13.64 -32.18
CA GLY H 108 2.35 -14.24 -31.98
C GLY H 108 1.89 -14.99 -33.23
N ARG H 109 0.89 -15.86 -33.04
CA ARG H 109 0.28 -16.60 -34.16
C ARG H 109 -1.25 -16.70 -34.04
N ARG H 110 -1.99 -16.44 -35.11
CA ARG H 110 -3.44 -16.63 -35.18
C ARG H 110 -3.76 -17.35 -36.49
N GLY H 111 -3.93 -18.68 -36.40
CA GLY H 111 -4.02 -19.49 -37.59
C GLY H 111 -2.76 -19.34 -38.44
N SER H 112 -2.96 -19.05 -39.72
CA SER H 112 -1.86 -18.93 -40.69
C SER H 112 -1.26 -17.51 -40.66
N SER H 113 -1.65 -16.68 -39.68
CA SER H 113 -1.22 -15.30 -39.62
C SER H 113 -0.22 -15.11 -38.48
N ALA H 114 0.84 -14.35 -38.75
CA ALA H 114 1.89 -14.10 -37.79
C ALA H 114 1.83 -12.65 -37.35
N LEU H 115 2.26 -12.41 -36.11
CA LEU H 115 2.29 -11.09 -35.51
C LEU H 115 3.69 -10.85 -34.96
N CYS H 116 4.22 -9.64 -35.14
CA CYS H 116 5.51 -9.27 -34.57
C CYS H 116 5.38 -7.85 -34.03
N ILE H 117 5.76 -7.70 -32.76
CA ILE H 117 5.61 -6.47 -32.01
C ILE H 117 6.96 -6.17 -31.39
N VAL H 118 7.42 -4.91 -31.53
CA VAL H 118 8.72 -4.49 -31.03
C VAL H 118 8.54 -3.18 -30.29
N ALA H 119 9.37 -3.00 -29.26
CA ALA H 119 9.33 -1.81 -28.43
C ALA H 119 10.71 -1.15 -28.44
N THR H 120 10.75 0.14 -28.77
CA THR H 120 12.00 0.86 -28.85
C THR H 120 12.11 1.72 -27.60
N ASN H 121 12.86 2.81 -27.67
CA ASN H 121 13.00 3.72 -26.51
C ASN H 121 11.75 4.62 -26.42
N THR H 122 10.98 4.77 -27.50
CA THR H 122 9.83 5.70 -27.50
C THR H 122 8.65 5.14 -28.27
N CYS H 123 8.88 4.21 -29.20
CA CYS H 123 7.77 3.77 -30.07
C CYS H 123 7.44 2.29 -29.95
N LEU H 124 6.21 1.91 -30.33
CA LEU H 124 5.79 0.50 -30.36
C LEU H 124 5.50 0.17 -31.82
N LEU H 125 6.20 -0.81 -32.39
CA LEU H 125 5.96 -1.22 -33.80
C LEU H 125 5.18 -2.53 -33.78
N ALA H 126 4.18 -2.66 -34.64
CA ALA H 126 3.35 -3.85 -34.67
C ALA H 126 2.88 -4.11 -36.09
N ALA H 127 2.86 -5.38 -36.48
CA ALA H 127 2.28 -5.78 -37.75
C ALA H 127 1.88 -7.24 -37.71
N ALA H 128 0.84 -7.59 -38.47
CA ALA H 128 0.37 -8.95 -38.62
C ALA H 128 0.17 -9.22 -40.10
N THR H 129 0.27 -10.49 -40.48
CA THR H 129 0.44 -10.89 -41.86
C THR H 129 -0.85 -11.50 -42.41
N VAL H 130 -1.04 -11.27 -43.71
CA VAL H 130 -1.98 -12.04 -44.52
C VAL H 130 -1.67 -13.52 -44.35
N ASP H 131 -2.71 -14.37 -44.38
CA ASP H 131 -2.56 -15.79 -44.10
C ASP H 131 -1.48 -16.39 -45.00
N GLY H 132 -0.53 -17.12 -44.39
CA GLY H 132 0.49 -17.86 -45.12
C GLY H 132 1.73 -17.07 -45.56
N TYR H 133 1.80 -15.76 -45.22
CA TYR H 133 2.97 -14.97 -45.56
C TYR H 133 4.13 -15.38 -44.65
N PRO H 134 5.37 -15.59 -45.18
CA PRO H 134 6.47 -16.11 -44.36
C PRO H 134 6.73 -15.29 -43.12
N ALA H 135 6.86 -15.96 -41.97
CA ALA H 135 6.97 -15.27 -40.66
C ALA H 135 8.36 -14.66 -40.46
N GLY H 136 9.40 -15.35 -40.95
CA GLY H 136 10.77 -14.83 -40.87
C GLY H 136 10.90 -13.45 -41.50
N GLN H 137 10.29 -13.26 -42.66
CA GLN H 137 10.33 -12.00 -43.39
C GLN H 137 9.68 -10.91 -42.55
N LEU H 138 8.52 -11.19 -41.98
CA LEU H 138 7.86 -10.23 -41.12
C LEU H 138 8.76 -9.88 -39.94
N ASN H 139 9.28 -10.91 -39.26
CA ASN H 139 10.12 -10.72 -38.09
C ASN H 139 11.39 -9.93 -38.42
N ASN H 140 12.01 -10.25 -39.54
CA ASN H 140 13.23 -9.52 -39.91
C ASN H 140 12.93 -8.05 -40.13
N VAL H 141 11.80 -7.74 -40.77
CA VAL H 141 11.50 -6.38 -41.16
C VAL H 141 11.20 -5.56 -39.91
N ILE H 142 10.40 -6.11 -39.00
CA ILE H 142 10.01 -5.39 -37.81
C ILE H 142 11.22 -5.27 -36.88
N GLU H 143 11.97 -6.36 -36.67
CA GLU H 143 13.07 -6.33 -35.72
C GLU H 143 14.18 -5.41 -36.18
N LYS H 144 14.46 -5.37 -37.49
CA LYS H 144 15.51 -4.52 -38.04
C LYS H 144 15.14 -3.06 -38.03
N LEU H 145 13.86 -2.75 -38.26
CA LEU H 145 13.41 -1.38 -38.18
C LEU H 145 13.49 -0.93 -36.72
N GLY H 146 13.04 -1.79 -35.81
CA GLY H 146 13.17 -1.47 -34.40
C GLY H 146 14.62 -1.28 -33.97
N ASP H 147 15.55 -2.08 -34.53
CA ASP H 147 16.97 -1.97 -34.18
C ASP H 147 17.53 -0.64 -34.66
N TYR H 148 17.11 -0.23 -35.87
CA TYR H 148 17.53 1.05 -36.43
C TYR H 148 17.05 2.20 -35.55
N LEU H 149 15.79 2.16 -35.11
CA LEU H 149 15.23 3.24 -34.34
C LEU H 149 15.90 3.30 -32.99
N ARG H 150 15.98 2.14 -32.33
CA ARG H 150 16.62 2.07 -31.02
C ARG H 150 18.04 2.66 -31.05
N SER H 151 18.76 2.42 -32.16
CA SER H 151 20.14 2.89 -32.29
C SER H 151 20.17 4.42 -32.44
N ASN H 152 19.05 4.99 -32.93
CA ASN H 152 18.88 6.42 -33.02
C ASN H 152 18.18 7.00 -31.79
N ASN H 153 17.96 6.19 -30.75
CA ASN H 153 17.48 6.61 -29.45
C ASN H 153 15.99 6.88 -29.50
N TYR H 154 15.36 6.36 -30.56
CA TYR H 154 13.92 6.39 -30.67
C TYR H 154 13.37 5.04 -30.27
N PRO I 1 10.17 -10.78 5.52
CA PRO I 1 9.33 -11.00 4.34
C PRO I 1 9.49 -12.40 3.77
N PRO I 2 8.69 -12.81 2.75
CA PRO I 2 8.99 -13.99 1.95
C PRO I 2 10.35 -13.88 1.26
N PRO I 3 10.99 -15.03 0.94
CA PRO I 3 12.01 -15.07 -0.11
C PRO I 3 11.51 -14.48 -1.43
N PRO I 4 12.36 -13.77 -2.20
CA PRO I 4 12.03 -13.36 -3.56
C PRO I 4 11.86 -14.58 -4.47
N PRO I 5 11.21 -14.43 -5.65
CA PRO I 5 10.96 -15.57 -6.53
C PRO I 5 12.29 -16.25 -6.87
N PRO I 6 12.40 -17.59 -6.76
CA PRO I 6 13.72 -18.25 -6.84
C PRO I 6 14.38 -18.22 -8.21
N PRO I 7 15.73 -18.13 -8.28
CA PRO I 7 16.43 -18.08 -9.56
C PRO I 7 16.42 -19.43 -10.25
N PRO I 8 16.57 -19.48 -11.59
CA PRO I 8 16.69 -20.75 -12.30
C PRO I 8 18.06 -21.35 -12.04
N PRO I 9 18.26 -22.65 -12.37
CA PRO I 9 19.57 -23.29 -12.17
C PRO I 9 20.63 -22.42 -12.81
N PRO I 10 21.83 -22.27 -12.19
CA PRO I 10 22.88 -21.43 -12.76
C PRO I 10 23.20 -21.73 -14.22
N PRO I 11 23.63 -20.72 -15.01
CA PRO I 11 24.08 -20.94 -16.38
C PRO I 11 25.36 -21.78 -16.44
N PRO I 12 25.64 -22.41 -17.58
CA PRO I 12 26.85 -23.23 -17.75
C PRO I 12 28.14 -22.52 -17.33
N PRO J 1 -20.41 3.87 0.00
CA PRO J 1 -19.35 4.75 0.48
C PRO J 1 -19.86 5.77 1.52
N PRO J 2 -19.01 6.26 2.44
CA PRO J 2 -19.41 7.30 3.37
C PRO J 2 -19.58 8.63 2.62
N PRO J 3 -20.28 9.63 3.19
CA PRO J 3 -20.53 10.89 2.48
C PRO J 3 -19.31 11.63 1.91
N PRO J 4 -19.42 12.27 0.74
CA PRO J 4 -18.32 13.06 0.17
C PRO J 4 -18.20 14.44 0.83
N PRO J 5 -17.05 15.14 0.69
CA PRO J 5 -16.91 16.49 1.23
C PRO J 5 -18.11 17.33 0.79
N PRO J 6 -18.81 18.05 1.70
CA PRO J 6 -20.03 18.76 1.31
C PRO J 6 -19.81 19.92 0.34
N PRO J 7 -20.82 20.26 -0.49
CA PRO J 7 -20.71 21.39 -1.41
C PRO J 7 -20.75 22.73 -0.68
N PRO J 8 -20.21 23.81 -1.27
CA PRO J 8 -20.34 25.15 -0.70
C PRO J 8 -21.77 25.64 -0.88
N PRO J 9 -22.19 26.72 -0.17
CA PRO J 9 -23.54 27.26 -0.29
C PRO J 9 -23.88 27.41 -1.77
N PRO J 10 -25.13 27.07 -2.18
CA PRO J 10 -25.54 27.13 -3.58
C PRO J 10 -25.19 28.43 -4.29
N PRO J 11 -24.89 28.37 -5.60
CA PRO J 11 -24.45 29.53 -6.35
C PRO J 11 -25.55 30.58 -6.51
N PRO J 12 -25.17 31.84 -6.77
CA PRO J 12 -26.14 32.93 -6.98
C PRO J 12 -27.22 32.58 -8.02
N PRO K 1 -8.28 25.07 0.11
CA PRO K 1 -8.93 23.90 -0.48
C PRO K 1 -10.22 23.56 0.27
N PRO K 2 -11.15 22.78 -0.30
CA PRO K 2 -12.36 22.37 0.39
C PRO K 2 -12.11 21.64 1.71
N PRO K 3 -13.10 21.57 2.62
CA PRO K 3 -12.96 20.81 3.86
C PRO K 3 -12.86 19.31 3.54
N PRO K 4 -12.04 18.53 4.28
CA PRO K 4 -11.88 17.12 4.00
C PRO K 4 -13.16 16.35 4.33
N PRO K 5 -13.35 15.13 3.79
CA PRO K 5 -14.58 14.37 4.03
C PRO K 5 -14.90 14.40 5.53
N PRO K 6 -16.15 14.70 5.96
CA PRO K 6 -16.45 14.86 7.38
C PRO K 6 -16.41 13.56 8.20
N PRO K 7 -16.02 13.62 9.49
CA PRO K 7 -15.93 12.40 10.32
C PRO K 7 -17.30 11.90 10.72
N PRO K 8 -17.47 10.60 11.06
CA PRO K 8 -18.74 10.10 11.57
C PRO K 8 -18.93 10.59 13.01
N PRO K 9 -20.16 10.49 13.57
CA PRO K 9 -20.39 10.95 14.94
C PRO K 9 -19.38 10.27 15.86
N PRO K 10 -18.82 10.97 16.87
CA PRO K 10 -17.77 10.37 17.72
C PRO K 10 -18.16 9.03 18.34
N PRO K 11 -17.21 8.10 18.52
CA PRO K 11 -17.53 6.78 19.09
C PRO K 11 -17.90 6.89 20.57
N PRO K 12 -18.73 5.95 21.08
CA PRO K 12 -19.21 6.03 22.47
C PRO K 12 -18.07 6.16 23.49
N PRO L 1 -1.25 6.74 55.71
CA PRO L 1 0.06 6.19 55.31
C PRO L 1 0.67 6.96 54.14
N PRO L 2 1.93 6.65 53.76
CA PRO L 2 2.47 7.09 52.47
C PRO L 2 1.67 6.56 51.28
N PRO L 3 1.56 7.36 50.18
CA PRO L 3 0.55 7.06 49.16
C PRO L 3 0.87 5.75 48.44
N PRO L 4 -0.14 4.94 48.06
CA PRO L 4 0.09 3.83 47.13
C PRO L 4 0.50 4.36 45.76
N PRO L 5 1.11 3.54 44.87
CA PRO L 5 1.48 4.02 43.53
C PRO L 5 0.22 4.52 42.82
N PRO L 6 0.22 5.72 42.20
CA PRO L 6 -1.03 6.33 41.75
C PRO L 6 -1.70 5.63 40.56
N PRO L 7 -3.04 5.63 40.48
CA PRO L 7 -3.76 4.94 39.40
C PRO L 7 -3.64 5.70 38.10
N PRO L 8 -3.77 5.02 36.93
CA PRO L 8 -3.75 5.72 35.65
C PRO L 8 -5.09 6.45 35.45
N PRO L 9 -5.18 7.36 34.47
CA PRO L 9 -6.46 8.04 34.19
C PRO L 9 -7.55 6.98 34.03
N PRO L 10 -8.78 7.22 34.53
CA PRO L 10 -9.91 6.31 34.34
C PRO L 10 -10.09 5.81 32.90
N PRO L 11 -10.59 4.57 32.73
CA PRO L 11 -10.78 3.97 31.41
C PRO L 11 -11.86 4.67 30.60
N PRO L 12 -11.88 4.47 29.27
CA PRO L 12 -12.99 4.90 28.41
C PRO L 12 -14.38 4.54 28.98
N PRO M 1 18.59 -35.81 36.46
CA PRO M 1 17.63 -35.59 37.55
C PRO M 1 16.45 -36.55 37.47
N PRO M 2 15.53 -36.55 38.46
CA PRO M 2 14.22 -37.18 38.30
C PRO M 2 13.41 -36.59 37.16
N PRO M 3 12.51 -37.37 36.52
CA PRO M 3 11.64 -36.85 35.47
C PRO M 3 10.77 -35.69 35.95
N PRO M 4 10.53 -34.66 35.11
CA PRO M 4 9.56 -33.62 35.44
C PRO M 4 8.15 -34.21 35.48
N PRO M 5 7.14 -33.49 36.03
CA PRO M 5 5.75 -33.90 35.89
C PRO M 5 5.41 -34.07 34.40
N PRO M 6 4.76 -35.17 33.98
CA PRO M 6 4.63 -35.49 32.56
C PRO M 6 3.72 -34.53 31.78
N PRO M 7 4.00 -34.30 30.47
CA PRO M 7 3.21 -33.36 29.67
C PRO M 7 1.83 -33.90 29.35
N PRO M 8 0.84 -33.03 29.11
CA PRO M 8 -0.51 -33.48 28.75
C PRO M 8 -0.49 -33.98 27.32
N PRO M 9 -1.54 -34.71 26.88
CA PRO M 9 -1.58 -35.22 25.51
C PRO M 9 -1.30 -34.07 24.55
N PRO M 10 -0.52 -34.30 23.46
CA PRO M 10 -0.15 -33.22 22.55
C PRO M 10 -1.34 -32.40 22.05
N PRO M 11 -1.12 -31.09 21.77
CA PRO M 11 -2.13 -30.25 21.11
C PRO M 11 -2.48 -30.72 19.71
N PRO M 12 -3.67 -30.36 19.20
CA PRO M 12 -4.20 -30.92 17.96
C PRO M 12 -3.23 -30.87 16.78
N PRO N 1 17.04 12.29 -25.07
CA PRO N 1 15.87 11.68 -25.73
C PRO N 1 15.70 12.17 -27.17
N PRO N 2 14.71 11.65 -27.93
CA PRO N 2 14.26 12.27 -29.18
C PRO N 2 13.79 13.71 -28.99
N PRO N 3 13.82 14.56 -30.02
CA PRO N 3 13.21 15.89 -29.99
C PRO N 3 11.79 15.90 -29.49
N PRO N 4 11.40 16.90 -28.64
CA PRO N 4 10.02 16.99 -28.18
C PRO N 4 9.09 17.29 -29.35
N PRO N 5 7.76 17.08 -29.21
CA PRO N 5 6.84 17.29 -30.32
C PRO N 5 6.96 18.75 -30.78
N PRO N 6 7.08 19.03 -32.09
CA PRO N 6 7.41 20.38 -32.56
C PRO N 6 6.30 21.42 -32.34
N PRO N 7 6.64 22.70 -32.09
CA PRO N 7 5.65 23.72 -31.77
C PRO N 7 4.84 24.14 -32.99
N PRO N 8 3.62 24.68 -32.82
CA PRO N 8 2.85 25.21 -33.93
C PRO N 8 3.46 26.52 -34.42
N PRO N 9 3.05 27.02 -35.60
CA PRO N 9 3.59 28.27 -36.13
C PRO N 9 3.52 29.34 -35.03
N PRO N 10 4.54 30.21 -34.90
CA PRO N 10 4.52 31.26 -33.87
C PRO N 10 3.23 32.09 -33.86
N PRO N 11 2.81 32.58 -32.68
CA PRO N 11 1.69 33.51 -32.58
C PRO N 11 1.97 34.84 -33.28
N PRO N 12 0.91 35.58 -33.68
CA PRO N 12 1.07 36.84 -34.40
C PRO N 12 2.07 37.81 -33.74
N PRO O 1 5.88 -19.17 -17.38
CA PRO O 1 6.56 -18.09 -16.68
C PRO O 1 7.36 -18.57 -15.47
N PRO O 2 8.21 -17.70 -14.88
CA PRO O 2 8.94 -18.06 -13.66
C PRO O 2 8.01 -18.38 -12.48
N PRO O 3 8.46 -19.27 -11.56
CA PRO O 3 7.66 -19.59 -10.39
C PRO O 3 7.38 -18.36 -9.51
N PRO O 4 6.18 -18.24 -8.90
CA PRO O 4 5.94 -17.23 -7.88
C PRO O 4 6.80 -17.49 -6.65
N PRO O 5 6.95 -16.51 -5.72
CA PRO O 5 7.70 -16.75 -4.49
C PRO O 5 7.07 -17.92 -3.73
N PRO O 6 7.84 -18.92 -3.26
CA PRO O 6 7.25 -20.15 -2.73
C PRO O 6 6.48 -19.99 -1.41
N PRO O 7 5.42 -20.79 -1.18
CA PRO O 7 4.58 -20.63 0.00
C PRO O 7 5.28 -21.12 1.26
N PRO O 8 4.86 -20.66 2.46
CA PRO O 8 5.38 -21.20 3.70
C PRO O 8 4.81 -22.59 3.96
N PRO O 9 5.41 -23.36 4.89
CA PRO O 9 4.89 -24.70 5.22
C PRO O 9 3.40 -24.60 5.48
N PRO O 10 2.60 -25.59 5.02
CA PRO O 10 1.15 -25.55 5.22
C PRO O 10 0.72 -25.28 6.66
N PRO O 11 -0.46 -24.64 6.84
CA PRO O 11 -1.06 -24.47 8.16
C PRO O 11 -1.46 -25.79 8.80
N PRO O 12 -1.61 -25.83 10.14
CA PRO O 12 -2.01 -27.03 10.87
C PRO O 12 -3.25 -27.72 10.27
N PRO P 1 -4.68 14.85 -33.39
CA PRO P 1 -3.91 15.42 -32.29
C PRO P 1 -2.77 16.31 -32.79
N PRO P 2 -2.03 17.00 -31.91
CA PRO P 2 -0.73 17.58 -32.25
C PRO P 2 0.28 16.54 -32.73
N PRO P 3 1.22 16.92 -33.63
CA PRO P 3 2.15 15.97 -34.22
C PRO P 3 3.02 15.27 -33.18
N PRO P 4 3.30 13.95 -33.34
CA PRO P 4 4.29 13.29 -32.48
C PRO P 4 5.67 13.85 -32.79
N PRO P 5 6.71 13.56 -31.96
CA PRO P 5 8.09 13.89 -32.33
C PRO P 5 8.42 13.22 -33.65
N PRO P 6 9.02 13.92 -34.64
CA PRO P 6 9.18 13.35 -35.98
C PRO P 6 10.15 12.17 -36.06
N PRO P 7 9.95 11.24 -37.01
CA PRO P 7 10.83 10.09 -37.19
C PRO P 7 12.21 10.49 -37.71
N PRO P 8 13.24 9.66 -37.46
CA PRO P 8 14.59 9.96 -37.96
C PRO P 8 14.62 9.66 -39.45
N PRO P 9 15.67 10.13 -40.18
CA PRO P 9 15.77 9.88 -41.61
C PRO P 9 15.54 8.39 -41.88
N PRO P 10 14.80 8.02 -42.96
CA PRO P 10 14.46 6.62 -43.20
C PRO P 10 15.68 5.71 -43.20
N PRO P 11 15.53 4.42 -42.80
CA PRO P 11 16.58 3.42 -42.99
C PRO P 11 16.87 3.17 -44.47
N PRO P 12 18.17 3.09 -44.84
CA PRO P 12 18.54 2.78 -46.22
C PRO P 12 18.07 1.38 -46.63
S SO4 Q . 9.95 10.00 -6.87
O1 SO4 Q . 9.32 8.68 -6.61
O2 SO4 Q . 10.39 10.65 -5.62
O3 SO4 Q . 11.12 9.77 -7.71
O4 SO4 Q . 8.97 10.86 -7.59
S SO4 R . 32.24 9.42 -20.17
O1 SO4 R . 31.22 8.43 -20.06
O2 SO4 R . 32.86 9.63 -18.90
O3 SO4 R . 33.23 8.99 -21.12
O4 SO4 R . 31.66 10.65 -20.62
S SO4 S . 28.74 -3.66 -28.78
O1 SO4 S . 28.62 -4.66 -27.76
O2 SO4 S . 27.77 -2.62 -28.55
O3 SO4 S . 30.05 -3.10 -28.75
O4 SO4 S . 28.49 -4.24 -30.07
S SO4 T . 0.59 -17.42 58.14
O1 SO4 T . -0.46 -18.41 58.22
O2 SO4 T . 0.24 -16.26 58.93
O3 SO4 T . 1.81 -17.99 58.65
O4 SO4 T . 0.77 -17.04 56.77
S SO4 U . 19.04 -14.32 44.47
O1 SO4 U . 17.58 -14.41 44.52
O2 SO4 U . 19.48 -13.22 45.25
O3 SO4 U . 19.61 -15.54 44.93
O4 SO4 U . 19.41 -14.11 43.08
S SO4 V . -1.64 -8.64 19.28
O1 SO4 V . -2.11 -9.98 19.39
O2 SO4 V . -1.62 -8.01 20.57
O3 SO4 V . -0.31 -8.65 18.74
O4 SO4 V . -2.49 -7.90 18.40
S SO4 W . 12.42 29.89 1.29
O1 SO4 W . 11.89 28.57 1.65
O2 SO4 W . 11.36 30.93 1.29
O3 SO4 W . 13.41 30.36 2.25
O4 SO4 W . 13.06 29.75 -0.03
S SO4 X . -7.59 38.38 -13.69
O1 SO4 X . -8.59 39.25 -14.24
O2 SO4 X . -6.69 39.13 -12.87
O3 SO4 X . -8.22 37.36 -12.91
O4 SO4 X . -6.85 37.77 -14.76
S SO4 Y . -25.51 -10.87 -13.82
O1 SO4 Y . -26.52 -11.62 -13.05
O2 SO4 Y . -25.43 -9.47 -13.35
O3 SO4 Y . -24.16 -11.48 -13.64
O4 SO4 Y . -25.93 -10.89 -15.26
S SO4 Z . -27.30 -18.48 -12.78
O1 SO4 Z . -28.66 -18.06 -13.13
O2 SO4 Z . -26.93 -17.88 -11.48
O3 SO4 Z . -27.19 -19.98 -12.66
O4 SO4 Z . -26.38 -18.00 -13.82
S SO4 AA . 0.43 -21.71 -32.63
O1 SO4 AA . 0.36 -23.14 -32.68
O2 SO4 AA . 0.19 -21.26 -31.29
O3 SO4 AA . 1.74 -21.29 -33.05
O4 SO4 AA . -0.55 -21.14 -33.52
S SO4 BA . 15.53 -15.94 -33.44
O1 SO4 BA . 14.52 -17.08 -33.53
O2 SO4 BA . 15.13 -15.08 -32.24
O3 SO4 BA . 16.76 -16.54 -33.09
O4 SO4 BA . 15.30 -15.13 -34.58
#